data_1GZS
#
_entry.id   1GZS
#
_cell.length_a   87.545
_cell.length_b   87.545
_cell.length_c   200.509
_cell.angle_alpha   90.00
_cell.angle_beta   90.00
_cell.angle_gamma   120.00
#
_symmetry.space_group_name_H-M   'P 31 2 1'
#
loop_
_entity.id
_entity.type
_entity.pdbx_description
1 polymer 'GTP-BINDING PROTEIN'
2 polymer SOPE
3 non-polymer 'SULFATE ION'
4 water water
#
loop_
_entity_poly.entity_id
_entity_poly.type
_entity_poly.pdbx_seq_one_letter_code
_entity_poly.pdbx_strand_id
1 'polypeptide(L)'
;GSMQTIKCVVVGDGAVGKTCLLISYTTNKFPSEYVPTVFDNYAVTVMIGGEPYTLGLFDTAGQEDYDRLRPLSYPQTDVF
LVCFSVVSPSSFENVKEKWVPEITHHCPKTPFLLVGTQIDLRDDPSTIEKLAKNKQKPITPETAEKLARDLKAVKYVECS
ALTQKGLKNVFDEAILAALE
;
A,C
2 'polypeptide(L)'
;GSLTNKVVKDFMLQTLNDIDIRGSASKDPAYASQTREAILSAVYSKNKDQCCNLLISKGINIAPFLQEIGEAAKNAGLPG
TTKNDVFTPSGAGANPFITPLISSANSKYPRMFINQHQQASFKIYAEKIIMTEVAPLFNECAMPTPQQFQLILENIANKY
IQNTP
;
B,D
#
# COMPACT_ATOMS: atom_id res chain seq x y z
N MET A 3 38.27 -18.97 -4.14
CA MET A 3 39.54 -18.22 -4.30
C MET A 3 39.57 -17.40 -5.59
N GLN A 4 39.35 -18.05 -6.72
CA GLN A 4 39.32 -17.34 -8.01
C GLN A 4 37.86 -17.15 -8.41
N THR A 5 37.58 -16.12 -9.19
CA THR A 5 36.21 -15.88 -9.63
C THR A 5 36.11 -15.63 -11.12
N ILE A 6 34.91 -15.88 -11.63
CA ILE A 6 34.59 -15.66 -13.02
C ILE A 6 33.20 -15.07 -13.02
N LYS A 7 33.05 -13.87 -13.60
CA LYS A 7 31.75 -13.22 -13.67
C LYS A 7 31.15 -13.37 -15.07
N CYS A 8 30.05 -14.10 -15.15
CA CYS A 8 29.36 -14.32 -16.41
C CYS A 8 27.98 -13.65 -16.40
N VAL A 9 27.71 -12.85 -17.42
CA VAL A 9 26.44 -12.14 -17.54
C VAL A 9 25.67 -12.58 -18.77
N VAL A 10 24.41 -12.97 -18.57
CA VAL A 10 23.52 -13.44 -19.63
C VAL A 10 22.63 -12.32 -20.14
N VAL A 11 22.82 -11.94 -21.40
CA VAL A 11 22.04 -10.86 -22.00
C VAL A 11 21.26 -11.34 -23.21
N GLY A 12 20.33 -10.52 -23.66
CA GLY A 12 19.51 -10.85 -24.81
C GLY A 12 18.06 -10.45 -24.59
N ASP A 13 17.29 -10.44 -25.67
CA ASP A 13 15.87 -10.06 -25.62
C ASP A 13 15.03 -10.84 -24.61
N GLY A 14 13.98 -10.21 -24.12
CA GLY A 14 13.09 -10.88 -23.19
C GLY A 14 12.38 -12.03 -23.88
N ALA A 15 12.02 -13.06 -23.11
CA ALA A 15 11.31 -14.24 -23.64
C ALA A 15 12.21 -15.16 -24.46
N VAL A 16 13.51 -15.04 -24.27
CA VAL A 16 14.47 -15.87 -25.00
C VAL A 16 14.88 -17.08 -24.14
N GLY A 17 14.44 -17.12 -22.89
CA GLY A 17 14.76 -18.24 -22.01
C GLY A 17 16.06 -18.10 -21.22
N LYS A 18 16.46 -16.88 -20.93
CA LYS A 18 17.68 -16.66 -20.16
C LYS A 18 17.59 -17.23 -18.75
N THR A 19 16.52 -16.87 -18.05
CA THR A 19 16.32 -17.34 -16.68
C THR A 19 16.18 -18.85 -16.65
N CYS A 20 15.37 -19.37 -17.57
CA CYS A 20 15.13 -20.81 -17.64
C CYS A 20 16.40 -21.61 -17.84
N LEU A 21 17.27 -21.16 -18.74
CA LEU A 21 18.50 -21.90 -18.99
C LEU A 21 19.46 -21.78 -17.81
N LEU A 22 19.39 -20.68 -17.07
CA LEU A 22 20.24 -20.49 -15.90
C LEU A 22 19.74 -21.42 -14.79
N ILE A 23 18.43 -21.47 -14.60
CA ILE A 23 17.85 -22.33 -13.57
C ILE A 23 18.09 -23.79 -13.94
N SER A 24 17.77 -24.14 -15.18
CA SER A 24 17.94 -25.50 -15.66
C SER A 24 19.37 -26.00 -15.50
N TYR A 25 20.33 -25.08 -15.64
CA TYR A 25 21.72 -25.44 -15.50
C TYR A 25 22.19 -25.56 -14.06
N THR A 26 21.70 -24.68 -13.18
CA THR A 26 22.14 -24.75 -11.80
C THR A 26 21.41 -25.75 -10.91
N THR A 27 20.22 -26.20 -11.32
CA THR A 27 19.49 -27.19 -10.52
C THR A 27 19.68 -28.56 -11.16
N ASN A 28 20.15 -28.54 -12.41
CA ASN A 28 20.40 -29.74 -13.21
C ASN A 28 19.13 -30.55 -13.51
N LYS A 29 18.08 -29.84 -13.93
CA LYS A 29 16.81 -30.45 -14.28
C LYS A 29 15.83 -29.35 -14.69
N PHE A 30 15.04 -29.62 -15.72
CA PHE A 30 14.07 -28.63 -16.18
C PHE A 30 12.96 -28.49 -15.16
N PRO A 31 12.71 -27.26 -14.68
CA PRO A 31 11.66 -27.01 -13.70
C PRO A 31 10.26 -27.20 -14.29
N SER A 32 9.77 -28.44 -14.23
CA SER A 32 8.46 -28.76 -14.76
C SER A 32 7.31 -28.04 -14.06
N GLU A 33 6.34 -27.62 -14.86
CA GLU A 33 5.15 -26.91 -14.42
C GLU A 33 5.41 -25.49 -13.95
N TYR A 34 6.44 -25.27 -13.14
CA TYR A 34 6.73 -23.90 -12.71
C TYR A 34 8.17 -23.47 -12.77
N VAL A 35 8.42 -22.47 -13.62
CA VAL A 35 9.75 -21.91 -13.78
C VAL A 35 9.75 -20.58 -13.03
N PRO A 36 10.54 -20.49 -11.96
CA PRO A 36 10.66 -19.27 -11.14
C PRO A 36 11.07 -18.07 -11.98
N THR A 37 10.58 -16.90 -11.61
CA THR A 37 10.88 -15.67 -12.32
C THR A 37 12.27 -15.15 -11.89
N VAL A 38 12.63 -15.42 -10.64
CA VAL A 38 13.92 -14.95 -10.13
C VAL A 38 14.97 -16.05 -10.05
N PHE A 39 16.08 -15.87 -10.76
CA PHE A 39 17.17 -16.82 -10.72
C PHE A 39 17.98 -16.51 -9.45
N ASP A 40 18.19 -17.53 -8.62
CA ASP A 40 18.90 -17.37 -7.33
C ASP A 40 20.28 -18.00 -7.15
N ASN A 41 20.66 -18.98 -7.96
CA ASN A 41 21.95 -19.65 -7.79
C ASN A 41 23.08 -18.87 -8.46
N TYR A 42 23.26 -17.61 -8.07
CA TYR A 42 24.27 -16.80 -8.73
C TYR A 42 25.75 -17.18 -8.56
N ALA A 43 26.13 -17.78 -7.43
CA ALA A 43 27.53 -18.15 -7.25
C ALA A 43 27.73 -19.66 -7.25
N VAL A 44 28.17 -20.19 -8.39
CA VAL A 44 28.40 -21.62 -8.53
C VAL A 44 29.86 -21.91 -8.24
N THR A 45 30.10 -22.72 -7.21
CA THR A 45 31.46 -23.05 -6.87
C THR A 45 31.88 -24.25 -7.70
N VAL A 46 33.09 -24.20 -8.24
CA VAL A 46 33.61 -25.26 -9.08
C VAL A 46 35.13 -25.30 -9.04
N MET A 47 35.68 -26.50 -9.20
CA MET A 47 37.13 -26.62 -9.23
C MET A 47 37.57 -26.61 -10.68
N ILE A 48 38.55 -25.76 -10.99
CA ILE A 48 39.05 -25.63 -12.35
C ILE A 48 40.59 -25.61 -12.34
N GLY A 49 41.20 -26.41 -13.22
CA GLY A 49 42.64 -26.45 -13.28
C GLY A 49 43.24 -26.66 -11.90
N GLY A 50 42.61 -27.51 -11.11
CA GLY A 50 43.10 -27.80 -9.77
C GLY A 50 42.93 -26.68 -8.76
N GLU A 51 42.21 -25.62 -9.12
CA GLU A 51 42.01 -24.53 -8.19
C GLU A 51 40.53 -24.26 -7.91
N PRO A 52 40.21 -23.78 -6.70
CA PRO A 52 38.82 -23.49 -6.34
C PRO A 52 38.33 -22.21 -7.01
N TYR A 53 37.14 -22.27 -7.59
CA TYR A 53 36.56 -21.12 -8.27
C TYR A 53 35.09 -20.93 -7.93
N THR A 54 34.60 -19.73 -8.20
CA THR A 54 33.20 -19.42 -8.04
C THR A 54 32.79 -18.86 -9.39
N LEU A 55 31.82 -19.50 -10.02
CA LEU A 55 31.31 -19.04 -11.29
C LEU A 55 30.09 -18.17 -10.97
N GLY A 56 30.28 -16.86 -11.07
CA GLY A 56 29.19 -15.95 -10.80
C GLY A 56 28.30 -15.82 -12.01
N LEU A 57 27.04 -16.26 -11.87
CA LEU A 57 26.09 -16.21 -12.96
C LEU A 57 25.05 -15.13 -12.68
N PHE A 58 24.85 -14.24 -13.63
CA PHE A 58 23.90 -13.15 -13.44
C PHE A 58 22.93 -12.99 -14.59
N ASP A 59 21.66 -13.08 -14.25
CA ASP A 59 20.56 -12.97 -15.20
C ASP A 59 20.26 -11.48 -15.43
N THR A 60 19.62 -11.16 -16.55
CA THR A 60 19.27 -9.78 -16.86
C THR A 60 17.83 -9.72 -17.34
N ALA A 61 17.10 -10.81 -17.11
CA ALA A 61 15.70 -10.90 -17.52
C ALA A 61 14.87 -9.74 -16.98
N GLY A 62 14.01 -9.20 -17.84
CA GLY A 62 13.13 -8.10 -17.47
C GLY A 62 13.72 -6.72 -17.66
N GLN A 63 14.98 -6.65 -18.10
CA GLN A 63 15.65 -5.37 -18.29
C GLN A 63 15.76 -4.92 -19.74
N GLU A 64 15.08 -5.59 -20.68
CA GLU A 64 15.19 -5.21 -22.09
C GLU A 64 14.82 -3.77 -22.47
N ASP A 65 14.06 -3.08 -21.63
CA ASP A 65 13.68 -1.68 -21.93
C ASP A 65 14.32 -0.70 -20.94
N TYR A 66 15.18 -1.20 -20.05
CA TYR A 66 15.84 -0.35 -19.06
C TYR A 66 17.26 0.00 -19.49
N ASP A 67 17.37 0.79 -20.55
CA ASP A 67 18.69 1.14 -21.07
C ASP A 67 19.56 1.91 -20.08
N ARG A 68 18.94 2.57 -19.11
CA ARG A 68 19.73 3.33 -18.14
C ARG A 68 20.21 2.44 -16.99
N LEU A 69 19.52 1.33 -16.77
CA LEU A 69 19.89 0.45 -15.67
C LEU A 69 20.77 -0.74 -16.05
N ARG A 70 20.59 -1.22 -17.27
CA ARG A 70 21.34 -2.37 -17.75
C ARG A 70 22.87 -2.36 -17.53
N PRO A 71 23.57 -1.25 -17.85
CA PRO A 71 25.03 -1.23 -17.66
C PRO A 71 25.52 -1.48 -16.24
N LEU A 72 24.64 -1.28 -15.26
CA LEU A 72 25.01 -1.50 -13.87
C LEU A 72 25.52 -2.91 -13.63
N SER A 73 25.10 -3.85 -14.48
CA SER A 73 25.49 -5.25 -14.33
C SER A 73 26.80 -5.59 -15.01
N TYR A 74 27.28 -4.71 -15.88
CA TYR A 74 28.49 -4.98 -16.68
C TYR A 74 29.91 -4.93 -16.10
N PRO A 75 30.20 -3.99 -15.19
CA PRO A 75 31.55 -3.92 -14.62
C PRO A 75 32.19 -5.25 -14.21
N GLN A 76 33.47 -5.40 -14.56
CA GLN A 76 34.25 -6.58 -14.23
C GLN A 76 33.68 -7.91 -14.73
N THR A 77 32.95 -7.87 -15.83
CA THR A 77 32.41 -9.10 -16.41
C THR A 77 33.53 -9.80 -17.19
N ASP A 78 33.72 -11.09 -16.94
CA ASP A 78 34.78 -11.83 -17.63
C ASP A 78 34.27 -12.50 -18.91
N VAL A 79 32.97 -12.73 -19.01
CA VAL A 79 32.39 -13.35 -20.20
C VAL A 79 30.87 -13.15 -20.30
N PHE A 80 30.40 -12.77 -21.49
CA PHE A 80 28.98 -12.57 -21.75
C PHE A 80 28.36 -13.69 -22.58
N LEU A 81 27.10 -13.96 -22.33
CA LEU A 81 26.35 -14.95 -23.09
C LEU A 81 25.27 -14.14 -23.78
N VAL A 82 25.46 -13.87 -25.07
CA VAL A 82 24.48 -13.08 -25.83
C VAL A 82 23.50 -14.08 -26.41
N CYS A 83 22.33 -14.13 -25.78
CA CYS A 83 21.30 -15.10 -26.13
C CYS A 83 20.19 -14.66 -27.07
N PHE A 84 19.75 -15.59 -27.90
CA PHE A 84 18.64 -15.36 -28.81
C PHE A 84 17.95 -16.72 -28.96
N SER A 85 16.65 -16.71 -29.22
CA SER A 85 15.91 -17.95 -29.41
C SER A 85 15.93 -18.29 -30.89
N VAL A 86 16.28 -19.54 -31.21
CA VAL A 86 16.34 -19.95 -32.62
C VAL A 86 14.98 -19.90 -33.30
N VAL A 87 13.92 -19.73 -32.51
CA VAL A 87 12.58 -19.62 -33.07
C VAL A 87 12.08 -18.19 -32.94
N SER A 88 13.02 -17.25 -32.81
CA SER A 88 12.67 -15.84 -32.70
C SER A 88 13.62 -14.97 -33.53
N PRO A 89 13.31 -14.79 -34.82
CA PRO A 89 14.14 -13.98 -35.71
C PRO A 89 14.44 -12.58 -35.20
N SER A 90 13.47 -11.95 -34.55
CA SER A 90 13.67 -10.60 -34.03
C SER A 90 14.75 -10.60 -32.96
N SER A 91 14.72 -11.61 -32.08
CA SER A 91 15.73 -11.66 -31.02
C SER A 91 17.11 -11.88 -31.61
N PHE A 92 17.18 -12.63 -32.71
CA PHE A 92 18.43 -12.93 -33.40
C PHE A 92 19.00 -11.67 -34.02
N GLU A 93 18.13 -10.91 -34.68
CA GLU A 93 18.56 -9.67 -35.30
C GLU A 93 19.04 -8.68 -34.26
N ASN A 94 18.41 -8.69 -33.09
CA ASN A 94 18.80 -7.76 -32.02
C ASN A 94 20.17 -8.04 -31.46
N VAL A 95 20.71 -9.23 -31.72
CA VAL A 95 22.05 -9.55 -31.24
C VAL A 95 23.00 -8.54 -31.90
N LYS A 96 22.81 -8.35 -33.21
CA LYS A 96 23.62 -7.45 -34.01
C LYS A 96 23.24 -5.98 -33.81
N GLU A 97 21.95 -5.71 -33.85
CA GLU A 97 21.47 -4.35 -33.73
C GLU A 97 21.50 -3.73 -32.33
N LYS A 98 21.51 -4.55 -31.29
CA LYS A 98 21.48 -4.03 -29.93
C LYS A 98 22.47 -4.60 -28.91
N TRP A 99 22.36 -5.89 -28.62
CA TRP A 99 23.20 -6.51 -27.62
C TRP A 99 24.71 -6.43 -27.79
N VAL A 100 25.24 -6.91 -28.90
CA VAL A 100 26.69 -6.84 -29.09
C VAL A 100 27.20 -5.40 -29.09
N PRO A 101 26.44 -4.47 -29.69
CA PRO A 101 26.94 -3.09 -29.67
C PRO A 101 27.00 -2.56 -28.24
N GLU A 102 25.99 -2.89 -27.44
CA GLU A 102 25.94 -2.42 -26.06
C GLU A 102 27.05 -2.97 -25.15
N ILE A 103 27.28 -4.29 -25.18
CA ILE A 103 28.33 -4.86 -24.33
C ILE A 103 29.72 -4.49 -24.83
N THR A 104 29.86 -4.36 -26.15
CA THR A 104 31.14 -3.99 -26.73
C THR A 104 31.53 -2.58 -26.31
N HIS A 105 30.52 -1.73 -26.15
CA HIS A 105 30.74 -0.34 -25.75
C HIS A 105 31.21 -0.25 -24.30
N HIS A 106 30.56 -1.00 -23.41
CA HIS A 106 30.93 -0.97 -22.00
C HIS A 106 32.08 -1.90 -21.65
N CYS A 107 32.24 -2.98 -22.41
CA CYS A 107 33.29 -3.96 -22.14
C CYS A 107 33.95 -4.40 -23.45
N PRO A 108 34.63 -3.47 -24.16
CA PRO A 108 35.29 -3.79 -25.43
C PRO A 108 36.27 -4.97 -25.42
N LYS A 109 36.84 -5.29 -24.26
CA LYS A 109 37.80 -6.39 -24.19
C LYS A 109 37.25 -7.69 -23.61
N THR A 110 35.94 -7.75 -23.39
CA THR A 110 35.35 -8.94 -22.81
C THR A 110 34.82 -9.89 -23.87
N PRO A 111 35.28 -11.15 -23.86
CA PRO A 111 34.80 -12.11 -24.86
C PRO A 111 33.33 -12.43 -24.65
N PHE A 112 32.67 -12.88 -25.70
CA PHE A 112 31.27 -13.24 -25.59
C PHE A 112 30.97 -14.43 -26.46
N LEU A 113 29.99 -15.22 -26.06
CA LEU A 113 29.58 -16.37 -26.83
C LEU A 113 28.21 -16.03 -27.36
N LEU A 114 27.91 -16.46 -28.58
CA LEU A 114 26.59 -16.25 -29.14
C LEU A 114 25.87 -17.54 -28.74
N VAL A 115 24.72 -17.42 -28.09
CA VAL A 115 23.99 -18.60 -27.63
C VAL A 115 22.60 -18.75 -28.22
N GLY A 116 22.38 -19.85 -28.93
CA GLY A 116 21.08 -20.11 -29.50
C GLY A 116 20.30 -20.89 -28.45
N THR A 117 19.09 -20.44 -28.13
CA THR A 117 18.28 -21.12 -27.14
C THR A 117 17.00 -21.71 -27.74
N GLN A 118 16.30 -22.49 -26.91
CA GLN A 118 15.03 -23.12 -27.29
C GLN A 118 15.09 -23.95 -28.57
N ILE A 119 16.21 -24.66 -28.78
CA ILE A 119 16.35 -25.49 -29.98
C ILE A 119 15.36 -26.64 -30.03
N ASP A 120 14.73 -26.94 -28.89
CA ASP A 120 13.74 -28.02 -28.83
C ASP A 120 12.49 -27.61 -29.60
N LEU A 121 12.32 -26.31 -29.79
CA LEU A 121 11.16 -25.76 -30.49
C LEU A 121 11.36 -25.64 -31.99
N ARG A 122 12.60 -25.76 -32.45
CA ARG A 122 12.93 -25.62 -33.86
C ARG A 122 12.12 -26.55 -34.78
N ASP A 123 11.87 -27.78 -34.34
CA ASP A 123 11.11 -28.71 -35.15
C ASP A 123 9.67 -28.85 -34.67
N ASP A 124 9.22 -27.91 -33.84
CA ASP A 124 7.86 -27.95 -33.34
C ASP A 124 6.89 -27.44 -34.40
N PRO A 125 6.01 -28.31 -34.90
CA PRO A 125 5.05 -27.93 -35.94
C PRO A 125 4.33 -26.61 -35.69
N SER A 126 3.76 -26.45 -34.50
CA SER A 126 3.03 -25.24 -34.16
C SER A 126 3.89 -23.96 -34.17
N THR A 127 5.14 -24.10 -33.74
CA THR A 127 6.05 -22.96 -33.72
C THR A 127 6.43 -22.62 -35.16
N ILE A 128 6.75 -23.65 -35.93
CA ILE A 128 7.15 -23.51 -37.32
C ILE A 128 6.06 -22.82 -38.15
N GLU A 129 4.82 -23.20 -37.91
CA GLU A 129 3.71 -22.61 -38.66
C GLU A 129 3.43 -21.16 -38.28
N LYS A 130 3.74 -20.78 -37.04
CA LYS A 130 3.52 -19.41 -36.62
C LYS A 130 4.54 -18.49 -37.31
N LEU A 131 5.76 -18.99 -37.49
CA LEU A 131 6.82 -18.23 -38.14
C LEU A 131 6.54 -18.13 -39.64
N ALA A 132 6.05 -19.22 -40.22
CA ALA A 132 5.73 -19.25 -41.63
C ALA A 132 4.65 -18.22 -41.95
N LYS A 133 3.65 -18.14 -41.07
CA LYS A 133 2.56 -17.21 -41.26
C LYS A 133 3.12 -15.79 -41.29
N ASN A 134 4.34 -15.65 -40.78
CA ASN A 134 5.02 -14.36 -40.73
C ASN A 134 6.14 -14.32 -41.76
N LYS A 135 6.12 -15.29 -42.69
CA LYS A 135 7.14 -15.38 -43.74
C LYS A 135 8.54 -15.59 -43.18
N GLN A 136 8.65 -16.23 -42.03
CA GLN A 136 9.95 -16.49 -41.43
C GLN A 136 10.12 -17.96 -41.11
N LYS A 137 11.37 -18.36 -40.90
CA LYS A 137 11.70 -19.74 -40.55
C LYS A 137 12.64 -19.72 -39.36
N PRO A 138 12.70 -20.81 -38.60
CA PRO A 138 13.60 -20.85 -37.44
C PRO A 138 15.06 -20.69 -37.87
N ILE A 139 15.87 -20.11 -36.99
CA ILE A 139 17.28 -19.89 -37.24
C ILE A 139 18.07 -21.20 -37.17
N THR A 140 18.81 -21.52 -38.22
CA THR A 140 19.62 -22.74 -38.24
C THR A 140 21.00 -22.40 -37.70
N PRO A 141 21.75 -23.40 -37.23
CA PRO A 141 23.09 -23.08 -36.71
C PRO A 141 24.04 -22.53 -37.77
N GLU A 142 23.80 -22.86 -39.03
CA GLU A 142 24.66 -22.34 -40.10
C GLU A 142 24.42 -20.83 -40.20
N THR A 143 23.14 -20.44 -40.13
CA THR A 143 22.78 -19.03 -40.20
C THR A 143 23.36 -18.31 -38.98
N ALA A 144 23.27 -18.94 -37.81
CA ALA A 144 23.78 -18.34 -36.58
C ALA A 144 25.29 -18.22 -36.60
N GLU A 145 25.97 -19.25 -37.11
CA GLU A 145 27.42 -19.22 -37.17
C GLU A 145 27.95 -18.09 -38.04
N LYS A 146 27.17 -17.70 -39.05
CA LYS A 146 27.59 -16.60 -39.91
C LYS A 146 27.62 -15.30 -39.09
N LEU A 147 26.59 -15.08 -38.28
CA LEU A 147 26.50 -13.88 -37.46
C LEU A 147 27.56 -13.86 -36.36
N ALA A 148 27.84 -15.02 -35.79
CA ALA A 148 28.84 -15.12 -34.74
C ALA A 148 30.20 -14.74 -35.31
N ARG A 149 30.39 -15.04 -36.60
CA ARG A 149 31.63 -14.71 -37.30
C ARG A 149 31.69 -13.22 -37.56
N ASP A 150 30.57 -12.67 -38.02
CA ASP A 150 30.48 -11.24 -38.29
C ASP A 150 30.75 -10.40 -37.06
N LEU A 151 30.13 -10.79 -35.93
CA LEU A 151 30.27 -10.04 -34.69
C LEU A 151 31.45 -10.42 -33.82
N LYS A 152 32.33 -11.26 -34.36
CA LYS A 152 33.52 -11.67 -33.62
C LYS A 152 33.26 -12.32 -32.26
N ALA A 153 32.28 -13.22 -32.20
CA ALA A 153 31.99 -13.93 -30.96
C ALA A 153 33.06 -15.00 -30.81
N VAL A 154 33.31 -15.45 -29.59
CA VAL A 154 34.31 -16.49 -29.36
C VAL A 154 33.87 -17.77 -30.08
N LYS A 155 32.57 -17.99 -30.15
CA LYS A 155 32.01 -19.16 -30.81
C LYS A 155 30.51 -19.14 -30.68
N TYR A 156 29.84 -20.02 -31.42
CA TYR A 156 28.39 -20.12 -31.34
C TYR A 156 28.06 -21.45 -30.67
N VAL A 157 27.11 -21.41 -29.75
CA VAL A 157 26.68 -22.62 -29.06
C VAL A 157 25.18 -22.50 -28.90
N GLU A 158 24.50 -23.65 -28.87
CA GLU A 158 23.06 -23.63 -28.68
C GLU A 158 22.70 -24.71 -27.68
N CYS A 159 21.51 -24.59 -27.12
CA CYS A 159 21.06 -25.51 -26.10
C CYS A 159 19.56 -25.40 -25.94
N SER A 160 19.02 -26.32 -25.15
CA SER A 160 17.61 -26.35 -24.81
C SER A 160 17.56 -26.44 -23.28
N ALA A 161 16.97 -25.44 -22.63
CA ALA A 161 16.85 -25.48 -21.19
C ALA A 161 15.96 -26.66 -20.81
N LEU A 162 14.97 -26.93 -21.66
CA LEU A 162 14.02 -28.02 -21.44
C LEU A 162 14.64 -29.41 -21.47
N THR A 163 15.32 -29.76 -22.55
CA THR A 163 15.93 -31.10 -22.64
C THR A 163 17.35 -31.12 -22.09
N GLN A 164 17.93 -29.94 -21.93
CA GLN A 164 19.29 -29.77 -21.42
C GLN A 164 20.36 -30.15 -22.42
N LYS A 165 19.95 -30.46 -23.65
CA LYS A 165 20.93 -30.81 -24.68
C LYS A 165 21.75 -29.56 -24.95
N GLY A 166 23.07 -29.68 -24.83
CA GLY A 166 23.96 -28.55 -25.07
C GLY A 166 24.08 -27.58 -23.91
N LEU A 167 23.23 -27.73 -22.91
CA LEU A 167 23.24 -26.82 -21.75
C LEU A 167 24.57 -26.72 -21.04
N LYS A 168 25.10 -27.85 -20.61
CA LYS A 168 26.37 -27.86 -19.90
C LYS A 168 27.52 -27.36 -20.78
N ASN A 169 27.49 -27.70 -22.05
CA ASN A 169 28.55 -27.28 -22.95
C ASN A 169 28.60 -25.76 -23.04
N VAL A 170 27.44 -25.13 -23.04
CA VAL A 170 27.38 -23.69 -23.11
C VAL A 170 28.25 -23.06 -22.03
N PHE A 171 28.09 -23.52 -20.79
CA PHE A 171 28.85 -22.97 -19.68
C PHE A 171 30.30 -23.44 -19.62
N ASP A 172 30.59 -24.64 -20.12
CA ASP A 172 31.97 -25.10 -20.14
C ASP A 172 32.70 -24.12 -21.06
N GLU A 173 32.08 -23.85 -22.20
CA GLU A 173 32.67 -22.95 -23.17
C GLU A 173 32.83 -21.54 -22.59
N ALA A 174 31.85 -21.10 -21.81
CA ALA A 174 31.91 -19.77 -21.20
C ALA A 174 33.15 -19.68 -20.30
N ILE A 175 33.33 -20.70 -19.47
CA ILE A 175 34.47 -20.77 -18.57
C ILE A 175 35.77 -20.73 -19.34
N LEU A 176 35.82 -21.50 -20.44
CA LEU A 176 37.01 -21.53 -21.29
C LEU A 176 37.26 -20.14 -21.84
N ALA A 177 36.20 -19.53 -22.37
CA ALA A 177 36.30 -18.19 -22.93
C ALA A 177 36.80 -17.20 -21.88
N ALA A 178 36.26 -17.30 -20.67
CA ALA A 178 36.64 -16.40 -19.58
C ALA A 178 38.11 -16.53 -19.21
N LEU A 179 38.62 -17.75 -19.20
CA LEU A 179 40.02 -17.98 -18.83
C LEU A 179 40.96 -17.93 -20.01
N GLU A 180 40.40 -17.84 -21.21
CA GLU A 180 41.20 -17.77 -22.43
C GLU A 180 42.16 -16.60 -22.40
N GLY B 1 41.08 -14.00 9.97
CA GLY B 1 40.95 -12.77 10.82
C GLY B 1 39.51 -12.34 11.01
N SER B 2 39.22 -11.09 10.66
CA SER B 2 37.87 -10.58 10.79
C SER B 2 36.92 -11.31 9.84
N LEU B 3 36.74 -10.75 8.64
CA LEU B 3 35.88 -11.33 7.62
C LEU B 3 34.58 -11.96 8.14
N THR B 4 33.59 -11.12 8.35
CA THR B 4 32.28 -11.57 8.84
C THR B 4 31.22 -11.21 7.82
N ASN B 5 29.97 -11.57 8.10
CA ASN B 5 28.87 -11.25 7.21
C ASN B 5 28.71 -9.73 7.20
N LYS B 6 29.01 -9.11 8.34
CA LYS B 6 28.91 -7.67 8.48
C LYS B 6 29.87 -6.97 7.52
N VAL B 7 31.08 -7.51 7.40
CA VAL B 7 32.09 -6.94 6.50
C VAL B 7 31.55 -6.93 5.08
N VAL B 8 30.93 -8.03 4.67
CA VAL B 8 30.40 -8.15 3.33
C VAL B 8 29.20 -7.23 3.11
N LYS B 9 28.33 -7.15 4.11
CA LYS B 9 27.16 -6.29 4.00
C LYS B 9 27.58 -4.83 3.88
N ASP B 10 28.53 -4.41 4.70
CA ASP B 10 29.00 -3.03 4.65
C ASP B 10 29.58 -2.74 3.28
N PHE B 11 30.27 -3.72 2.69
CA PHE B 11 30.84 -3.54 1.36
C PHE B 11 29.74 -3.35 0.32
N MET B 12 28.64 -4.10 0.47
CA MET B 12 27.55 -3.96 -0.49
C MET B 12 26.93 -2.57 -0.30
N LEU B 13 26.94 -2.10 0.93
CA LEU B 13 26.42 -0.78 1.25
C LEU B 13 27.34 0.24 0.55
N GLN B 14 28.64 -0.03 0.56
CA GLN B 14 29.60 0.86 -0.11
C GLN B 14 29.29 0.89 -1.60
N THR B 15 29.03 -0.28 -2.16
CA THR B 15 28.74 -0.37 -3.58
C THR B 15 27.43 0.32 -3.95
N LEU B 16 26.43 0.21 -3.08
CA LEU B 16 25.16 0.88 -3.34
C LEU B 16 25.42 2.39 -3.45
N ASN B 17 26.28 2.91 -2.56
CA ASN B 17 26.64 4.32 -2.58
C ASN B 17 27.30 4.71 -3.91
N ASP B 18 28.15 3.83 -4.43
CA ASP B 18 28.83 4.12 -5.68
C ASP B 18 27.84 4.23 -6.84
N ILE B 19 26.82 3.39 -6.85
CA ILE B 19 25.85 3.49 -7.94
C ILE B 19 24.92 4.69 -7.76
N ASP B 20 24.75 5.14 -6.51
CA ASP B 20 23.93 6.31 -6.20
C ASP B 20 22.63 6.44 -7.01
N ILE B 21 21.66 5.61 -6.70
CA ILE B 21 20.39 5.64 -7.41
C ILE B 21 19.68 7.00 -7.31
N ARG B 22 19.64 7.57 -6.10
CA ARG B 22 18.97 8.85 -5.90
C ARG B 22 19.56 9.99 -6.73
N GLY B 23 20.88 10.11 -6.75
CA GLY B 23 21.51 11.16 -7.52
C GLY B 23 21.29 10.96 -9.01
N SER B 24 21.41 9.72 -9.47
CA SER B 24 21.22 9.46 -10.90
C SER B 24 19.78 9.78 -11.26
N ALA B 25 18.87 9.39 -10.39
CA ALA B 25 17.45 9.61 -10.59
C ALA B 25 17.11 11.09 -10.69
N SER B 26 17.74 11.89 -9.84
CA SER B 26 17.49 13.32 -9.83
C SER B 26 18.01 14.05 -11.07
N LYS B 27 19.03 13.49 -11.70
CA LYS B 27 19.62 14.09 -12.89
C LYS B 27 19.07 13.60 -14.23
N ASP B 28 18.41 12.45 -14.22
CA ASP B 28 17.88 11.86 -15.45
C ASP B 28 16.50 11.24 -15.19
N PRO B 29 15.43 11.95 -15.61
CA PRO B 29 14.05 11.48 -15.44
C PRO B 29 13.81 10.08 -16.00
N ALA B 30 14.53 9.72 -17.06
CA ALA B 30 14.36 8.40 -17.65
C ALA B 30 14.94 7.33 -16.73
N TYR B 31 16.02 7.68 -16.04
CA TYR B 31 16.65 6.77 -15.10
C TYR B 31 15.65 6.56 -13.96
N ALA B 32 15.05 7.66 -13.51
CA ALA B 32 14.08 7.61 -12.41
C ALA B 32 12.89 6.72 -12.74
N SER B 33 12.25 6.97 -13.88
CA SER B 33 11.09 6.16 -14.23
C SER B 33 11.48 4.68 -14.37
N GLN B 34 12.60 4.41 -15.03
CA GLN B 34 13.05 3.03 -15.20
C GLN B 34 13.28 2.37 -13.85
N THR B 35 13.83 3.14 -12.92
CA THR B 35 14.08 2.63 -11.57
C THR B 35 12.75 2.26 -10.91
N ARG B 36 11.78 3.17 -10.97
CA ARG B 36 10.49 2.87 -10.36
C ARG B 36 9.86 1.61 -10.95
N GLU B 37 9.89 1.47 -12.26
CA GLU B 37 9.34 0.29 -12.89
C GLU B 37 10.10 -0.97 -12.53
N ALA B 38 11.42 -0.86 -12.49
CA ALA B 38 12.29 -1.97 -12.17
C ALA B 38 12.00 -2.44 -10.75
N ILE B 39 11.92 -1.49 -9.82
CA ILE B 39 11.67 -1.81 -8.43
C ILE B 39 10.32 -2.49 -8.23
N LEU B 40 9.25 -1.90 -8.77
CA LEU B 40 7.93 -2.50 -8.62
C LEU B 40 7.90 -3.86 -9.30
N SER B 41 8.68 -4.03 -10.37
CA SER B 41 8.74 -5.33 -11.05
C SER B 41 9.42 -6.36 -10.14
N ALA B 42 10.40 -5.93 -9.35
CA ALA B 42 11.07 -6.85 -8.43
C ALA B 42 10.12 -7.27 -7.31
N VAL B 43 9.31 -6.34 -6.82
CA VAL B 43 8.35 -6.67 -5.77
C VAL B 43 7.37 -7.70 -6.32
N TYR B 44 6.95 -7.48 -7.56
CA TYR B 44 6.01 -8.39 -8.23
C TYR B 44 6.65 -9.79 -8.31
N SER B 45 7.86 -9.85 -8.86
CA SER B 45 8.60 -11.10 -9.04
C SER B 45 8.78 -11.91 -7.77
N LYS B 46 9.16 -11.23 -6.70
CA LYS B 46 9.37 -11.91 -5.42
C LYS B 46 8.06 -12.53 -4.93
N ASN B 47 6.98 -11.77 -4.96
CA ASN B 47 5.70 -12.27 -4.48
C ASN B 47 5.12 -13.34 -5.40
N LYS B 48 5.40 -13.22 -6.69
CA LYS B 48 4.90 -14.20 -7.65
C LYS B 48 5.54 -15.55 -7.33
N ASP B 49 6.87 -15.55 -7.21
CA ASP B 49 7.60 -16.78 -6.89
C ASP B 49 7.23 -17.35 -5.50
N GLN B 50 7.22 -16.52 -4.46
CA GLN B 50 6.90 -17.02 -3.11
C GLN B 50 5.52 -17.67 -3.04
N CYS B 51 4.51 -17.03 -3.62
CA CYS B 51 3.16 -17.57 -3.59
C CYS B 51 2.97 -18.75 -4.52
N CYS B 52 3.56 -18.68 -5.71
CA CYS B 52 3.42 -19.79 -6.65
C CYS B 52 4.03 -21.07 -6.09
N ASN B 53 5.21 -20.95 -5.49
CA ASN B 53 5.88 -22.09 -4.88
C ASN B 53 4.98 -22.69 -3.81
N LEU B 54 4.39 -21.84 -2.98
CA LEU B 54 3.49 -22.31 -1.92
C LEU B 54 2.29 -23.02 -2.53
N LEU B 55 1.54 -22.32 -3.37
CA LEU B 55 0.36 -22.88 -4.03
C LEU B 55 0.62 -24.23 -4.68
N ILE B 56 1.69 -24.31 -5.46
CA ILE B 56 2.06 -25.53 -6.15
C ILE B 56 2.37 -26.67 -5.18
N SER B 57 3.01 -26.34 -4.06
CA SER B 57 3.34 -27.36 -3.08
C SER B 57 2.05 -27.86 -2.45
N LYS B 58 1.03 -27.00 -2.44
CA LYS B 58 -0.28 -27.34 -1.88
C LYS B 58 -1.20 -27.93 -2.94
N GLY B 59 -0.69 -28.12 -4.16
CA GLY B 59 -1.49 -28.69 -5.23
C GLY B 59 -2.55 -27.81 -5.89
N ILE B 60 -2.44 -26.50 -5.71
CA ILE B 60 -3.40 -25.55 -6.28
C ILE B 60 -2.96 -25.09 -7.67
N ASN B 61 -3.91 -24.60 -8.47
CA ASN B 61 -3.59 -24.10 -9.82
C ASN B 61 -3.17 -22.64 -9.64
N ILE B 62 -2.08 -22.23 -10.27
CA ILE B 62 -1.59 -20.87 -10.13
C ILE B 62 -2.18 -19.86 -11.10
N ALA B 63 -2.80 -20.35 -12.17
CA ALA B 63 -3.35 -19.48 -13.19
C ALA B 63 -4.23 -18.34 -12.67
N PRO B 64 -5.32 -18.66 -11.94
CA PRO B 64 -6.17 -17.58 -11.45
C PRO B 64 -5.42 -16.56 -10.59
N PHE B 65 -4.41 -17.02 -9.85
CA PHE B 65 -3.63 -16.12 -9.01
C PHE B 65 -2.75 -15.20 -9.88
N LEU B 66 -2.12 -15.78 -10.90
CA LEU B 66 -1.28 -15.00 -11.79
C LEU B 66 -2.11 -13.95 -12.52
N GLN B 67 -3.34 -14.31 -12.85
CA GLN B 67 -4.25 -13.40 -13.54
C GLN B 67 -4.47 -12.16 -12.67
N GLU B 68 -4.70 -12.36 -11.37
CA GLU B 68 -4.95 -11.24 -10.48
C GLU B 68 -3.74 -10.34 -10.22
N ILE B 69 -2.59 -10.91 -9.91
CA ILE B 69 -1.44 -10.05 -9.67
C ILE B 69 -1.02 -9.39 -10.97
N GLY B 70 -1.39 -10.02 -12.09
CA GLY B 70 -1.08 -9.43 -13.38
C GLY B 70 -1.84 -8.11 -13.48
N GLU B 71 -3.13 -8.14 -13.13
CA GLU B 71 -3.95 -6.95 -13.17
C GLU B 71 -3.43 -5.91 -12.18
N ALA B 72 -2.96 -6.38 -11.03
CA ALA B 72 -2.43 -5.48 -10.03
C ALA B 72 -1.17 -4.81 -10.61
N ALA B 73 -0.33 -5.58 -11.28
CA ALA B 73 0.88 -5.03 -11.89
C ALA B 73 0.47 -4.00 -12.95
N LYS B 74 -0.52 -4.38 -13.77
CA LYS B 74 -1.01 -3.50 -14.82
C LYS B 74 -1.47 -2.17 -14.23
N ASN B 75 -2.31 -2.25 -13.19
CA ASN B 75 -2.83 -1.05 -12.52
C ASN B 75 -1.75 -0.27 -11.78
N ALA B 76 -0.61 -0.90 -11.54
CA ALA B 76 0.49 -0.24 -10.84
C ALA B 76 1.26 0.65 -11.81
N GLY B 77 0.96 0.50 -13.10
CA GLY B 77 1.64 1.30 -14.11
C GLY B 77 2.77 0.57 -14.81
N LEU B 78 2.85 -0.74 -14.64
CA LEU B 78 3.91 -1.52 -15.27
C LEU B 78 3.48 -2.05 -16.64
N PRO B 79 4.25 -1.72 -17.69
CA PRO B 79 3.90 -2.21 -19.03
C PRO B 79 4.14 -3.72 -19.12
N GLY B 80 3.47 -4.38 -20.06
CA GLY B 80 3.66 -5.81 -20.18
C GLY B 80 2.88 -6.42 -21.31
N THR B 81 2.79 -7.74 -21.30
CA THR B 81 2.09 -8.47 -22.35
C THR B 81 1.19 -9.54 -21.72
N THR B 82 0.15 -9.93 -22.46
CA THR B 82 -0.78 -10.92 -21.98
C THR B 82 -0.73 -12.22 -22.78
N LYS B 83 -0.78 -13.32 -22.06
CA LYS B 83 -0.76 -14.65 -22.66
C LYS B 83 -1.75 -15.49 -21.88
N ASN B 84 -2.65 -16.18 -22.60
CA ASN B 84 -3.65 -17.03 -21.96
C ASN B 84 -4.43 -16.21 -20.93
N ASP B 85 -4.77 -14.98 -21.31
CA ASP B 85 -5.51 -14.08 -20.45
C ASP B 85 -4.77 -13.64 -19.19
N VAL B 86 -3.48 -13.93 -19.12
CA VAL B 86 -2.70 -13.52 -17.96
C VAL B 86 -1.63 -12.47 -18.33
N PHE B 87 -1.71 -11.33 -17.67
CA PHE B 87 -0.78 -10.23 -17.90
C PHE B 87 0.49 -10.42 -17.04
N THR B 88 1.66 -10.24 -17.65
CA THR B 88 2.93 -10.33 -16.94
C THR B 88 3.73 -9.06 -17.25
N PRO B 89 4.09 -8.27 -16.23
CA PRO B 89 4.84 -7.05 -16.53
C PRO B 89 6.21 -7.41 -17.12
N SER B 90 6.60 -6.65 -18.14
CA SER B 90 7.86 -6.84 -18.84
C SER B 90 9.11 -6.74 -17.99
N GLY B 91 9.07 -5.92 -16.93
CA GLY B 91 10.24 -5.77 -16.08
C GLY B 91 10.50 -6.92 -15.12
N ALA B 92 9.56 -7.85 -15.00
CA ALA B 92 9.72 -9.00 -14.10
C ALA B 92 10.91 -9.85 -14.50
N GLY B 93 11.76 -10.14 -13.52
CA GLY B 93 12.93 -10.94 -13.80
C GLY B 93 14.01 -10.70 -12.76
N ALA B 94 15.11 -10.12 -13.21
CA ALA B 94 16.23 -9.85 -12.31
C ALA B 94 16.31 -8.36 -12.01
N ASN B 95 16.30 -8.05 -10.71
CA ASN B 95 16.40 -6.69 -10.25
C ASN B 95 17.74 -6.14 -10.76
N PRO B 96 17.72 -5.13 -11.62
CA PRO B 96 18.99 -4.58 -12.13
C PRO B 96 19.93 -3.99 -11.08
N PHE B 97 19.41 -3.67 -9.90
CA PHE B 97 20.27 -3.08 -8.88
C PHE B 97 20.94 -4.13 -8.01
N ILE B 98 20.38 -5.34 -7.99
CA ILE B 98 20.95 -6.43 -7.20
C ILE B 98 22.31 -6.90 -7.72
N THR B 99 22.42 -7.16 -9.02
CA THR B 99 23.67 -7.70 -9.56
C THR B 99 24.94 -6.94 -9.23
N PRO B 100 24.94 -5.60 -9.37
CA PRO B 100 26.19 -4.91 -9.03
C PRO B 100 26.59 -5.13 -7.57
N LEU B 101 25.62 -5.21 -6.67
CA LEU B 101 25.93 -5.41 -5.25
C LEU B 101 26.42 -6.81 -4.99
N ILE B 102 25.69 -7.77 -5.54
CA ILE B 102 26.00 -9.17 -5.38
C ILE B 102 27.22 -9.65 -6.15
N SER B 103 27.37 -9.22 -7.38
CA SER B 103 28.53 -9.66 -8.16
C SER B 103 29.82 -9.08 -7.57
N SER B 104 29.78 -7.83 -7.12
CA SER B 104 30.98 -7.22 -6.52
C SER B 104 31.37 -7.88 -5.18
N ALA B 105 30.39 -8.14 -4.32
CA ALA B 105 30.70 -8.78 -3.03
C ALA B 105 31.24 -10.19 -3.23
N ASN B 106 30.67 -10.93 -4.18
CA ASN B 106 31.16 -12.29 -4.44
C ASN B 106 32.58 -12.26 -4.96
N SER B 107 32.88 -11.27 -5.81
CA SER B 107 34.21 -11.15 -6.39
C SER B 107 35.28 -10.79 -5.37
N LYS B 108 34.91 -9.92 -4.42
CA LYS B 108 35.80 -9.46 -3.37
C LYS B 108 35.93 -10.50 -2.24
N TYR B 109 34.82 -11.11 -1.85
CA TYR B 109 34.83 -12.11 -0.77
C TYR B 109 34.18 -13.42 -1.19
N PRO B 110 34.72 -14.09 -2.20
CA PRO B 110 34.17 -15.37 -2.69
C PRO B 110 33.94 -16.49 -1.68
N ARG B 111 34.77 -16.56 -0.64
CA ARG B 111 34.63 -17.61 0.37
C ARG B 111 33.33 -17.46 1.15
N MET B 112 32.80 -16.24 1.20
CA MET B 112 31.57 -15.95 1.91
C MET B 112 30.33 -16.29 1.09
N PHE B 113 30.52 -16.62 -0.19
CA PHE B 113 29.37 -16.95 -1.02
C PHE B 113 29.30 -18.42 -1.43
N ILE B 114 30.09 -19.25 -0.79
CA ILE B 114 30.09 -20.67 -1.11
C ILE B 114 28.84 -21.31 -0.51
N ASN B 115 28.54 -20.97 0.74
CA ASN B 115 27.36 -21.50 1.40
C ASN B 115 26.08 -20.94 0.79
N GLN B 116 25.15 -21.84 0.45
CA GLN B 116 23.89 -21.47 -0.16
C GLN B 116 23.04 -20.53 0.70
N HIS B 117 22.98 -20.83 2.00
CA HIS B 117 22.22 -20.01 2.92
C HIS B 117 22.80 -18.61 2.94
N GLN B 118 24.13 -18.50 3.00
CA GLN B 118 24.78 -17.20 3.01
C GLN B 118 24.48 -16.43 1.74
N GLN B 119 24.50 -17.12 0.61
CA GLN B 119 24.19 -16.48 -0.67
C GLN B 119 22.82 -15.82 -0.59
N ALA B 120 21.82 -16.59 -0.16
CA ALA B 120 20.46 -16.08 -0.04
C ALA B 120 20.40 -14.90 0.93
N SER B 121 21.04 -15.05 2.08
CA SER B 121 21.03 -13.98 3.06
C SER B 121 21.59 -12.68 2.52
N PHE B 122 22.71 -12.76 1.80
CA PHE B 122 23.30 -11.55 1.22
C PHE B 122 22.37 -10.94 0.17
N LYS B 123 21.70 -11.78 -0.61
CA LYS B 123 20.77 -11.28 -1.63
C LYS B 123 19.62 -10.54 -0.96
N ILE B 124 19.05 -11.15 0.08
CA ILE B 124 17.95 -10.55 0.83
C ILE B 124 18.38 -9.21 1.43
N TYR B 125 19.61 -9.16 1.94
CA TYR B 125 20.12 -7.92 2.53
C TYR B 125 20.29 -6.85 1.45
N ALA B 126 20.72 -7.28 0.26
CA ALA B 126 20.91 -6.34 -0.84
C ALA B 126 19.55 -5.76 -1.25
N GLU B 127 18.55 -6.63 -1.37
CA GLU B 127 17.20 -6.19 -1.73
C GLU B 127 16.72 -5.14 -0.73
N LYS B 128 16.92 -5.40 0.54
CA LYS B 128 16.49 -4.49 1.59
C LYS B 128 17.12 -3.09 1.50
N ILE B 129 18.44 -3.00 1.38
CA ILE B 129 19.07 -1.69 1.30
C ILE B 129 18.71 -0.98 0.00
N ILE B 130 18.44 -1.75 -1.05
CA ILE B 130 18.06 -1.15 -2.32
C ILE B 130 16.67 -0.53 -2.17
N MET B 131 15.76 -1.27 -1.53
CA MET B 131 14.41 -0.79 -1.29
C MET B 131 14.43 0.51 -0.48
N THR B 132 15.24 0.53 0.57
CA THR B 132 15.39 1.72 1.39
C THR B 132 15.93 2.88 0.56
N GLU B 133 16.95 2.62 -0.24
CA GLU B 133 17.53 3.67 -1.08
C GLU B 133 16.54 4.28 -2.07
N VAL B 134 15.68 3.45 -2.68
CA VAL B 134 14.76 3.97 -3.68
C VAL B 134 13.42 4.55 -3.22
N ALA B 135 13.04 4.28 -1.98
CA ALA B 135 11.76 4.75 -1.45
C ALA B 135 11.38 6.20 -1.81
N PRO B 136 12.26 7.18 -1.52
CA PRO B 136 11.89 8.55 -1.86
C PRO B 136 11.62 8.85 -3.33
N LEU B 137 12.02 7.95 -4.22
CA LEU B 137 11.78 8.17 -5.64
C LEU B 137 10.29 8.05 -5.97
N PHE B 138 9.53 7.47 -5.04
CA PHE B 138 8.09 7.31 -5.24
C PHE B 138 7.28 8.40 -4.53
N ASN B 139 7.96 9.36 -3.90
CA ASN B 139 7.26 10.44 -3.22
C ASN B 139 6.44 11.23 -4.25
N GLU B 140 5.21 11.58 -3.89
CA GLU B 140 4.33 12.33 -4.77
C GLU B 140 4.44 11.77 -6.19
N CYS B 141 4.04 10.52 -6.33
CA CYS B 141 4.07 9.80 -7.59
C CYS B 141 2.77 9.03 -7.72
N ALA B 142 2.27 8.90 -8.95
CA ALA B 142 1.01 8.18 -9.19
C ALA B 142 1.19 6.68 -9.00
N MET B 143 2.39 6.16 -9.22
CA MET B 143 2.63 4.73 -9.04
C MET B 143 2.59 4.43 -7.55
N PRO B 144 2.27 3.19 -7.18
CA PRO B 144 2.24 2.86 -5.76
C PRO B 144 3.68 2.75 -5.25
N THR B 145 3.89 2.95 -3.95
CA THR B 145 5.24 2.81 -3.42
C THR B 145 5.49 1.30 -3.35
N PRO B 146 6.77 0.90 -3.28
CA PRO B 146 7.05 -0.54 -3.21
C PRO B 146 6.32 -1.19 -2.02
N GLN B 147 6.22 -0.44 -0.95
CA GLN B 147 5.55 -0.91 0.26
C GLN B 147 4.07 -1.14 -0.04
N GLN B 148 3.40 -0.15 -0.64
CA GLN B 148 1.97 -0.32 -0.95
C GLN B 148 1.75 -1.47 -1.94
N PHE B 149 2.61 -1.55 -2.96
CA PHE B 149 2.46 -2.59 -3.96
C PHE B 149 2.61 -3.98 -3.36
N GLN B 150 3.63 -4.15 -2.51
CA GLN B 150 3.85 -5.43 -1.87
C GLN B 150 2.62 -5.81 -1.04
N LEU B 151 2.04 -4.83 -0.35
CA LEU B 151 0.84 -5.08 0.45
C LEU B 151 -0.31 -5.47 -0.46
N ILE B 152 -0.43 -4.82 -1.61
CA ILE B 152 -1.51 -5.14 -2.53
C ILE B 152 -1.40 -6.59 -3.00
N LEU B 153 -0.19 -7.02 -3.34
CA LEU B 153 0.01 -8.39 -3.80
C LEU B 153 -0.17 -9.41 -2.67
N GLU B 154 0.27 -9.07 -1.46
CA GLU B 154 0.13 -10.00 -0.34
C GLU B 154 -1.33 -10.28 -0.03
N ASN B 155 -2.15 -9.23 -0.01
CA ASN B 155 -3.57 -9.40 0.25
C ASN B 155 -4.16 -10.33 -0.81
N ILE B 156 -3.79 -10.12 -2.06
CA ILE B 156 -4.28 -10.98 -3.13
C ILE B 156 -3.86 -12.41 -2.79
N ALA B 157 -2.56 -12.61 -2.57
CA ALA B 157 -2.03 -13.92 -2.23
C ALA B 157 -2.74 -14.53 -1.03
N ASN B 158 -2.91 -13.73 0.02
CA ASN B 158 -3.57 -14.24 1.22
C ASN B 158 -4.98 -14.76 0.92
N LYS B 159 -5.65 -14.14 -0.04
CA LYS B 159 -7.00 -14.57 -0.41
C LYS B 159 -6.96 -15.96 -1.02
N TYR B 160 -5.92 -16.26 -1.79
CA TYR B 160 -5.81 -17.59 -2.38
C TYR B 160 -5.34 -18.60 -1.37
N ILE B 161 -4.45 -18.17 -0.47
CA ILE B 161 -3.93 -19.08 0.54
C ILE B 161 -4.95 -19.55 1.58
N GLN B 162 -5.84 -18.67 2.00
CA GLN B 162 -6.83 -19.04 2.99
C GLN B 162 -7.94 -19.93 2.39
N ASN B 163 -7.83 -20.22 1.10
CA ASN B 163 -8.78 -21.06 0.40
C ASN B 163 -8.12 -22.35 -0.07
N THR B 164 -7.06 -22.79 0.61
CA THR B 164 -6.36 -23.98 0.16
C THR B 164 -6.31 -25.21 1.07
N PRO B 165 -5.90 -25.05 2.32
CA PRO B 165 -5.84 -26.25 3.18
C PRO B 165 -7.12 -27.06 3.14
N MET C 3 -12.94 -2.87 -5.95
CA MET C 3 -14.06 -2.66 -5.00
C MET C 3 -13.58 -2.91 -3.58
N GLN C 4 -12.33 -2.55 -3.30
CA GLN C 4 -11.75 -2.74 -1.97
C GLN C 4 -12.17 -1.60 -1.04
N THR C 5 -12.31 -1.93 0.24
CA THR C 5 -12.75 -0.96 1.25
C THR C 5 -11.83 -0.93 2.46
N ILE C 6 -11.69 0.26 3.05
CA ILE C 6 -10.88 0.45 4.24
C ILE C 6 -11.69 1.26 5.23
N LYS C 7 -11.94 0.70 6.42
CA LYS C 7 -12.70 1.42 7.43
C LYS C 7 -11.78 2.03 8.48
N CYS C 8 -11.84 3.35 8.62
CA CYS C 8 -11.02 4.05 9.59
C CYS C 8 -11.91 4.77 10.60
N VAL C 9 -11.69 4.48 11.88
CA VAL C 9 -12.48 5.11 12.96
C VAL C 9 -11.55 5.99 13.78
N VAL C 10 -11.97 7.23 13.99
CA VAL C 10 -11.19 8.21 14.73
C VAL C 10 -11.74 8.34 16.15
N VAL C 11 -10.93 7.94 17.14
CA VAL C 11 -11.35 8.00 18.53
C VAL C 11 -10.43 8.91 19.37
N GLY C 12 -10.88 9.24 20.57
CA GLY C 12 -10.10 10.10 21.45
C GLY C 12 -10.97 11.10 22.18
N ASP C 13 -10.44 11.71 23.24
CA ASP C 13 -11.19 12.68 24.03
C ASP C 13 -11.75 13.80 23.17
N GLY C 14 -12.80 14.45 23.68
CA GLY C 14 -13.43 15.54 22.95
C GLY C 14 -12.55 16.77 23.00
N ALA C 15 -12.80 17.71 22.10
CA ALA C 15 -12.03 18.96 22.02
C ALA C 15 -10.62 18.68 21.47
N VAL C 16 -10.36 17.42 21.13
CA VAL C 16 -9.06 17.02 20.59
C VAL C 16 -8.93 17.43 19.12
N GLY C 17 -10.06 17.69 18.47
CA GLY C 17 -10.04 18.09 17.07
C GLY C 17 -10.28 16.96 16.10
N LYS C 18 -10.96 15.90 16.54
CA LYS C 18 -11.24 14.77 15.65
C LYS C 18 -12.03 15.20 14.42
N THR C 19 -13.17 15.84 14.66
CA THR C 19 -14.02 16.30 13.58
C THR C 19 -13.25 17.23 12.67
N CYS C 20 -12.50 18.14 13.27
CA CYS C 20 -11.72 19.11 12.51
C CYS C 20 -10.70 18.48 11.59
N LEU C 21 -9.99 17.45 12.06
CA LEU C 21 -8.98 16.80 11.23
C LEU C 21 -9.59 16.01 10.06
N LEU C 22 -10.79 15.46 10.25
CA LEU C 22 -11.45 14.72 9.19
C LEU C 22 -11.96 15.67 8.11
N ILE C 23 -12.52 16.80 8.54
CA ILE C 23 -13.04 17.78 7.61
C ILE C 23 -11.94 18.43 6.77
N SER C 24 -10.84 18.78 7.42
CA SER C 24 -9.72 19.42 6.73
C SER C 24 -9.11 18.47 5.72
N TYR C 25 -9.02 17.19 6.08
CA TYR C 25 -8.46 16.18 5.19
C TYR C 25 -9.34 15.88 3.99
N THR C 26 -10.65 15.96 4.15
CA THR C 26 -11.57 15.65 3.05
C THR C 26 -12.02 16.82 2.19
N THR C 27 -11.75 18.04 2.63
CA THR C 27 -12.16 19.20 1.83
C THR C 27 -10.91 19.94 1.37
N ASN C 28 -9.78 19.63 2.02
CA ASN C 28 -8.49 20.23 1.72
C ASN C 28 -8.42 21.71 2.09
N LYS C 29 -9.10 22.08 3.18
CA LYS C 29 -9.09 23.47 3.63
C LYS C 29 -9.71 23.63 5.01
N PHE C 30 -9.05 24.44 5.83
CA PHE C 30 -9.50 24.72 7.19
C PHE C 30 -10.92 25.31 7.18
N PRO C 31 -11.79 24.85 8.10
CA PRO C 31 -13.17 25.34 8.19
C PRO C 31 -13.22 26.85 8.44
N SER C 32 -13.17 27.61 7.35
CA SER C 32 -13.18 29.07 7.38
C SER C 32 -13.94 29.75 8.52
N GLU C 33 -15.11 30.28 8.20
CA GLU C 33 -15.96 30.98 9.16
C GLU C 33 -16.80 30.08 10.06
N TYR C 34 -16.65 28.77 9.92
CA TYR C 34 -17.43 27.84 10.73
C TYR C 34 -16.99 26.38 10.61
N VAL C 35 -16.67 25.79 11.75
CA VAL C 35 -16.27 24.39 11.78
C VAL C 35 -17.53 23.58 12.08
N PRO C 36 -18.00 22.76 11.12
CA PRO C 36 -19.20 21.93 11.28
C PRO C 36 -19.11 20.95 12.45
N THR C 37 -20.25 20.58 12.99
CA THR C 37 -20.32 19.64 14.10
C THR C 37 -20.37 18.22 13.57
N VAL C 38 -20.98 18.06 12.41
CA VAL C 38 -21.14 16.75 11.79
C VAL C 38 -20.28 16.56 10.55
N PHE C 39 -19.43 15.53 10.57
CA PHE C 39 -18.57 15.21 9.43
C PHE C 39 -19.43 14.42 8.45
N ASP C 40 -19.45 14.84 7.19
CA ASP C 40 -20.29 14.18 6.18
C ASP C 40 -19.63 13.35 5.11
N ASN C 41 -18.36 13.63 4.82
CA ASN C 41 -17.65 12.91 3.76
C ASN C 41 -17.09 11.60 4.26
N TYR C 42 -17.99 10.70 4.67
CA TYR C 42 -17.57 9.42 5.21
C TYR C 42 -17.05 8.41 4.19
N ALA C 43 -17.32 8.63 2.91
CA ALA C 43 -16.83 7.71 1.89
C ALA C 43 -16.02 8.51 0.89
N VAL C 44 -14.70 8.40 1.00
CA VAL C 44 -13.77 9.11 0.13
C VAL C 44 -12.99 8.10 -0.72
N THR C 45 -12.83 8.40 -2.00
CA THR C 45 -12.09 7.51 -2.89
C THR C 45 -10.61 7.87 -2.87
N VAL C 46 -9.78 6.84 -2.75
CA VAL C 46 -8.33 7.04 -2.72
C VAL C 46 -7.67 6.13 -3.74
N MET C 47 -6.72 6.69 -4.49
CA MET C 47 -5.99 5.92 -5.48
C MET C 47 -4.73 5.37 -4.85
N ILE C 48 -4.64 4.04 -4.72
CA ILE C 48 -3.44 3.43 -4.16
C ILE C 48 -2.75 2.91 -5.40
N GLY C 49 -1.88 3.76 -5.93
CA GLY C 49 -1.22 3.42 -7.17
C GLY C 49 -2.29 3.67 -8.22
N GLY C 50 -2.64 2.65 -8.99
CA GLY C 50 -3.65 2.81 -10.02
C GLY C 50 -4.97 2.15 -9.67
N GLU C 51 -5.09 1.66 -8.45
CA GLU C 51 -6.33 1.01 -8.02
C GLU C 51 -7.12 1.88 -7.05
N PRO C 52 -8.40 2.09 -7.32
CA PRO C 52 -9.22 2.93 -6.43
C PRO C 52 -9.71 2.15 -5.21
N TYR C 53 -9.61 2.78 -4.04
CA TYR C 53 -10.05 2.18 -2.79
C TYR C 53 -11.08 3.12 -2.17
N THR C 54 -12.07 2.56 -1.49
CA THR C 54 -13.02 3.42 -0.82
C THR C 54 -12.57 3.51 0.63
N LEU C 55 -12.20 4.73 1.04
CA LEU C 55 -11.77 4.97 2.41
C LEU C 55 -12.96 5.46 3.23
N GLY C 56 -13.41 4.61 4.15
CA GLY C 56 -14.53 4.98 5.01
C GLY C 56 -13.97 5.68 6.23
N LEU C 57 -14.42 6.90 6.47
CA LEU C 57 -13.97 7.69 7.61
C LEU C 57 -15.15 7.93 8.55
N PHE C 58 -14.95 7.64 9.83
CA PHE C 58 -16.00 7.82 10.81
C PHE C 58 -15.53 8.52 12.07
N ASP C 59 -16.20 9.63 12.37
CA ASP C 59 -15.91 10.45 13.54
C ASP C 59 -16.63 9.84 14.75
N THR C 60 -16.21 10.24 15.95
CA THR C 60 -16.86 9.73 17.15
C THR C 60 -17.10 10.87 18.14
N ALA C 61 -16.90 12.10 17.69
CA ALA C 61 -17.10 13.26 18.55
C ALA C 61 -18.46 13.21 19.25
N GLY C 62 -18.49 13.76 20.46
CA GLY C 62 -19.72 13.79 21.23
C GLY C 62 -20.05 12.45 21.87
N GLN C 63 -19.18 11.47 21.73
CA GLN C 63 -19.45 10.15 22.31
C GLN C 63 -18.62 9.83 23.56
N GLU C 64 -17.86 10.81 24.04
CA GLU C 64 -16.99 10.66 25.21
C GLU C 64 -17.63 9.97 26.41
N ASP C 65 -18.90 10.30 26.69
CA ASP C 65 -19.57 9.69 27.83
C ASP C 65 -20.59 8.62 27.44
N TYR C 66 -20.61 8.22 26.17
CA TYR C 66 -21.54 7.18 25.74
C TYR C 66 -20.78 5.83 25.69
N ASP C 67 -20.38 5.35 26.86
CA ASP C 67 -19.63 4.09 26.97
C ASP C 67 -20.28 2.90 26.30
N ARG C 68 -21.58 2.75 26.49
CA ARG C 68 -22.27 1.61 25.88
C ARG C 68 -22.55 1.73 24.39
N LEU C 69 -22.49 2.95 23.84
CA LEU C 69 -22.77 3.14 22.42
C LEU C 69 -21.55 3.19 21.50
N ARG C 70 -20.42 3.68 22.00
CA ARG C 70 -19.21 3.77 21.18
C ARG C 70 -18.80 2.47 20.50
N PRO C 71 -18.91 1.32 21.20
CA PRO C 71 -18.51 0.06 20.55
C PRO C 71 -19.26 -0.27 19.27
N LEU C 72 -20.40 0.40 19.06
CA LEU C 72 -21.21 0.18 17.86
C LEU C 72 -20.51 0.60 16.57
N SER C 73 -19.49 1.44 16.70
CA SER C 73 -18.74 1.92 15.55
C SER C 73 -17.54 1.01 15.20
N TYR C 74 -17.20 0.11 16.11
CA TYR C 74 -16.02 -0.75 15.95
C TYR C 74 -15.99 -1.96 15.02
N PRO C 75 -17.09 -2.71 14.92
CA PRO C 75 -17.06 -3.88 14.02
C PRO C 75 -16.53 -3.57 12.62
N GLN C 76 -15.70 -4.48 12.10
CA GLN C 76 -15.12 -4.37 10.77
C GLN C 76 -14.13 -3.23 10.58
N THR C 77 -13.64 -2.64 11.67
CA THR C 77 -12.67 -1.55 11.52
C THR C 77 -11.35 -2.14 11.03
N ASP C 78 -10.72 -1.46 10.08
CA ASP C 78 -9.43 -1.91 9.53
C ASP C 78 -8.28 -1.15 10.17
N VAL C 79 -8.55 0.05 10.67
CA VAL C 79 -7.52 0.84 11.31
C VAL C 79 -8.07 1.96 12.18
N PHE C 80 -7.57 2.06 13.41
CA PHE C 80 -8.01 3.08 14.34
C PHE C 80 -7.01 4.22 14.45
N LEU C 81 -7.54 5.44 14.58
CA LEU C 81 -6.71 6.61 14.79
C LEU C 81 -7.04 7.10 16.21
N VAL C 82 -6.17 6.79 17.17
CA VAL C 82 -6.37 7.22 18.56
C VAL C 82 -5.71 8.58 18.71
N CYS C 83 -6.53 9.62 18.73
CA CYS C 83 -6.04 10.99 18.83
C CYS C 83 -5.99 11.55 20.24
N PHE C 84 -5.13 12.55 20.40
CA PHE C 84 -4.95 13.27 21.65
C PHE C 84 -4.30 14.59 21.25
N SER C 85 -4.62 15.66 21.94
CA SER C 85 -4.03 16.95 21.62
C SER C 85 -2.63 16.99 22.23
N VAL C 86 -1.68 17.59 21.51
CA VAL C 86 -0.33 17.68 22.02
C VAL C 86 -0.27 18.73 23.13
N VAL C 87 -1.26 19.61 23.16
CA VAL C 87 -1.32 20.63 24.18
C VAL C 87 -2.38 20.30 25.24
N SER C 88 -2.60 19.01 25.47
CA SER C 88 -3.56 18.56 26.47
C SER C 88 -3.15 17.20 27.06
N PRO C 89 -2.34 17.23 28.13
CA PRO C 89 -1.88 16.01 28.79
C PRO C 89 -3.01 15.05 29.17
N SER C 90 -4.13 15.60 29.60
CA SER C 90 -5.26 14.76 29.99
C SER C 90 -5.68 13.85 28.82
N SER C 91 -5.72 14.41 27.60
CA SER C 91 -6.09 13.61 26.44
C SER C 91 -5.02 12.55 26.18
N PHE C 92 -3.77 12.89 26.50
CA PHE C 92 -2.66 11.96 26.30
C PHE C 92 -2.75 10.79 27.26
N GLU C 93 -3.07 11.07 28.52
CA GLU C 93 -3.19 10.01 29.53
C GLU C 93 -4.37 9.09 29.21
N ASN C 94 -5.45 9.68 28.72
CA ASN C 94 -6.62 8.90 28.38
C ASN C 94 -6.33 7.87 27.30
N VAL C 95 -5.32 8.15 26.47
CA VAL C 95 -4.96 7.20 25.42
C VAL C 95 -4.56 5.90 26.12
N LYS C 96 -3.74 6.05 27.16
CA LYS C 96 -3.25 4.91 27.92
C LYS C 96 -4.32 4.31 28.84
N GLU C 97 -5.07 5.18 29.51
CA GLU C 97 -6.08 4.72 30.47
C GLU C 97 -7.44 4.35 29.90
N LYS C 98 -7.82 4.94 28.77
CA LYS C 98 -9.14 4.69 28.20
C LYS C 98 -9.25 4.12 26.79
N TRP C 99 -8.79 4.88 25.81
CA TRP C 99 -8.91 4.49 24.40
C TRP C 99 -8.28 3.19 23.91
N VAL C 100 -6.96 3.04 24.05
CA VAL C 100 -6.31 1.82 23.60
C VAL C 100 -6.91 0.61 24.31
N PRO C 101 -7.10 0.70 25.63
CA PRO C 101 -7.68 -0.47 26.30
C PRO C 101 -9.06 -0.79 25.68
N GLU C 102 -9.82 0.26 25.36
CA GLU C 102 -11.15 0.06 24.78
C GLU C 102 -11.12 -0.60 23.41
N ILE C 103 -10.38 -0.03 22.46
CA ILE C 103 -10.33 -0.62 21.13
C ILE C 103 -9.64 -1.99 21.12
N THR C 104 -8.65 -2.15 21.98
CA THR C 104 -7.90 -3.41 22.10
C THR C 104 -8.84 -4.48 22.59
N HIS C 105 -9.78 -4.09 23.44
CA HIS C 105 -10.75 -5.03 23.98
C HIS C 105 -11.70 -5.52 22.89
N HIS C 106 -12.29 -4.60 22.13
CA HIS C 106 -13.21 -4.99 21.06
C HIS C 106 -12.54 -5.45 19.75
N CYS C 107 -11.40 -4.85 19.44
CA CYS C 107 -10.70 -5.19 18.21
C CYS C 107 -9.24 -5.48 18.52
N PRO C 108 -8.96 -6.66 19.09
CA PRO C 108 -7.59 -7.03 19.45
C PRO C 108 -6.62 -7.20 18.28
N LYS C 109 -7.13 -7.56 17.12
CA LYS C 109 -6.25 -7.75 15.96
C LYS C 109 -6.13 -6.57 14.99
N THR C 110 -6.87 -5.50 15.24
CA THR C 110 -6.83 -4.35 14.34
C THR C 110 -5.80 -3.32 14.81
N PRO C 111 -4.91 -2.89 13.91
CA PRO C 111 -3.88 -1.92 14.23
C PRO C 111 -4.43 -0.52 14.46
N PHE C 112 -3.65 0.31 15.14
CA PHE C 112 -4.05 1.68 15.41
C PHE C 112 -2.84 2.60 15.45
N LEU C 113 -3.04 3.87 15.08
CA LEU C 113 -1.95 4.82 15.13
C LEU C 113 -2.23 5.79 16.26
N LEU C 114 -1.17 6.23 16.92
CA LEU C 114 -1.30 7.21 17.98
C LEU C 114 -1.18 8.51 17.20
N VAL C 115 -2.18 9.37 17.32
CA VAL C 115 -2.14 10.63 16.59
C VAL C 115 -2.16 11.86 17.49
N GLY C 116 -1.15 12.71 17.33
CA GLY C 116 -1.08 13.94 18.11
C GLY C 116 -1.66 15.05 17.27
N THR C 117 -2.65 15.77 17.81
CA THR C 117 -3.27 16.84 17.06
C THR C 117 -2.91 18.21 17.61
N GLN C 118 -3.35 19.24 16.88
CA GLN C 118 -3.14 20.62 17.27
C GLN C 118 -1.67 20.92 17.58
N ILE C 119 -0.77 20.41 16.75
CA ILE C 119 0.66 20.64 16.95
C ILE C 119 0.98 22.13 16.82
N ASP C 120 0.12 22.86 16.10
CA ASP C 120 0.30 24.29 15.90
C ASP C 120 0.12 25.07 17.20
N LEU C 121 -0.29 24.38 18.26
CA LEU C 121 -0.50 25.02 19.56
C LEU C 121 0.71 24.94 20.48
N ARG C 122 1.67 24.08 20.14
CA ARG C 122 2.87 23.91 20.95
C ARG C 122 3.67 25.19 21.12
N ASP C 123 3.75 25.99 20.05
CA ASP C 123 4.51 27.23 20.08
C ASP C 123 3.68 28.45 20.51
N ASP C 124 2.37 28.34 20.44
CA ASP C 124 1.48 29.43 20.84
C ASP C 124 1.65 29.74 22.33
N PRO C 125 2.12 30.95 22.66
CA PRO C 125 2.34 31.40 24.04
C PRO C 125 1.12 31.24 24.94
N SER C 126 -0.01 31.75 24.49
CA SER C 126 -1.26 31.68 25.25
C SER C 126 -1.50 30.28 25.77
N THR C 127 -1.24 29.27 24.94
CA THR C 127 -1.44 27.89 25.32
C THR C 127 -0.38 27.44 26.33
N ILE C 128 0.86 27.79 26.05
CA ILE C 128 1.98 27.43 26.92
C ILE C 128 1.80 27.99 28.34
N GLU C 129 1.38 29.26 28.41
CA GLU C 129 1.18 29.93 29.69
C GLU C 129 0.03 29.32 30.47
N LYS C 130 -1.07 29.02 29.78
CA LYS C 130 -2.21 28.41 30.44
C LYS C 130 -1.78 27.03 30.93
N LEU C 131 -1.05 26.31 30.09
CA LEU C 131 -0.54 24.99 30.45
C LEU C 131 0.41 25.16 31.64
N ALA C 132 1.17 26.25 31.63
CA ALA C 132 2.13 26.55 32.68
C ALA C 132 1.41 26.82 34.00
N LYS C 133 0.28 27.51 33.92
CA LYS C 133 -0.51 27.84 35.10
C LYS C 133 -1.07 26.58 35.77
N ASN C 134 -0.65 25.42 35.26
CA ASN C 134 -1.09 24.14 35.80
C ASN C 134 0.12 23.20 35.84
N LYS C 135 1.31 23.78 35.75
CA LYS C 135 2.54 23.01 35.77
C LYS C 135 2.54 21.88 34.74
N GLN C 136 2.05 22.19 33.54
CA GLN C 136 2.00 21.20 32.46
C GLN C 136 2.76 21.68 31.24
N LYS C 137 3.48 20.77 30.59
CA LYS C 137 4.23 21.12 29.39
C LYS C 137 3.60 20.33 28.24
N PRO C 138 3.63 20.89 27.02
CA PRO C 138 3.05 20.17 25.89
C PRO C 138 3.76 18.84 25.60
N ILE C 139 2.99 17.84 25.19
CA ILE C 139 3.55 16.53 24.88
C ILE C 139 4.53 16.60 23.71
N THR C 140 5.71 16.02 23.90
CA THR C 140 6.74 16.01 22.87
C THR C 140 6.69 14.74 22.06
N PRO C 141 7.11 14.80 20.79
CA PRO C 141 7.12 13.64 19.90
C PRO C 141 7.85 12.48 20.56
N GLU C 142 8.87 12.82 21.35
CA GLU C 142 9.65 11.82 22.03
C GLU C 142 8.79 11.05 23.03
N THR C 143 8.07 11.79 23.87
CA THR C 143 7.20 11.19 24.88
C THR C 143 6.10 10.35 24.22
N ALA C 144 5.56 10.87 23.11
CA ALA C 144 4.49 10.17 22.38
C ALA C 144 4.96 8.87 21.74
N GLU C 145 6.14 8.92 21.12
CA GLU C 145 6.70 7.74 20.46
C GLU C 145 6.95 6.64 21.48
N LYS C 146 7.38 7.03 22.67
CA LYS C 146 7.64 6.08 23.75
C LYS C 146 6.33 5.40 24.10
N LEU C 147 5.29 6.21 24.31
CA LEU C 147 3.97 5.69 24.66
C LEU C 147 3.42 4.78 23.55
N ALA C 148 3.68 5.17 22.31
CA ALA C 148 3.23 4.39 21.17
C ALA C 148 3.92 3.03 21.19
N ARG C 149 5.17 3.02 21.65
CA ARG C 149 5.96 1.79 21.74
C ARG C 149 5.35 0.82 22.74
N ASP C 150 5.16 1.31 23.96
CA ASP C 150 4.62 0.49 25.04
C ASP C 150 3.22 -0.05 24.80
N LEU C 151 2.39 0.71 24.07
CA LEU C 151 1.03 0.27 23.79
C LEU C 151 0.93 -0.52 22.49
N LYS C 152 2.08 -0.81 21.88
CA LYS C 152 2.12 -1.57 20.64
C LYS C 152 1.33 -0.92 19.51
N ALA C 153 1.55 0.37 19.31
CA ALA C 153 0.88 1.09 18.23
C ALA C 153 1.73 0.93 16.99
N VAL C 154 1.10 0.94 15.82
CA VAL C 154 1.83 0.78 14.57
C VAL C 154 2.86 1.87 14.35
N LYS C 155 2.49 3.10 14.69
CA LYS C 155 3.39 4.24 14.48
C LYS C 155 2.78 5.47 15.11
N TYR C 156 3.61 6.45 15.43
CA TYR C 156 3.12 7.70 15.99
C TYR C 156 3.25 8.78 14.93
N VAL C 157 2.20 9.58 14.79
CA VAL C 157 2.21 10.68 13.84
C VAL C 157 1.46 11.84 14.47
N GLU C 158 1.80 13.05 14.05
CA GLU C 158 1.12 14.21 14.58
C GLU C 158 0.80 15.17 13.45
N CYS C 159 -0.15 16.06 13.67
CA CYS C 159 -0.54 16.99 12.62
C CYS C 159 -1.35 18.17 13.15
N SER C 160 -1.58 19.12 12.26
CA SER C 160 -2.36 20.32 12.55
C SER C 160 -3.43 20.42 11.48
N ALA C 161 -4.70 20.37 11.89
CA ALA C 161 -5.80 20.48 10.95
C ALA C 161 -5.84 21.88 10.37
N LEU C 162 -5.34 22.85 11.14
CA LEU C 162 -5.31 24.24 10.73
C LEU C 162 -4.36 24.47 9.57
N THR C 163 -3.08 24.24 9.80
CA THR C 163 -2.06 24.45 8.76
C THR C 163 -1.95 23.25 7.83
N GLN C 164 -2.63 22.16 8.20
CA GLN C 164 -2.61 20.94 7.40
C GLN C 164 -1.25 20.24 7.42
N LYS C 165 -0.34 20.74 8.24
CA LYS C 165 0.99 20.16 8.34
C LYS C 165 0.88 18.73 8.85
N GLY C 166 1.43 17.79 8.08
CA GLY C 166 1.41 16.39 8.48
C GLY C 166 0.06 15.69 8.35
N LEU C 167 -0.95 16.42 7.92
CA LEU C 167 -2.30 15.88 7.77
C LEU C 167 -2.35 14.68 6.83
N LYS C 168 -1.93 14.87 5.58
CA LYS C 168 -1.95 13.80 4.59
C LYS C 168 -1.20 12.57 5.07
N ASN C 169 -0.07 12.79 5.74
CA ASN C 169 0.75 11.70 6.24
C ASN C 169 0.01 10.75 7.18
N VAL C 170 -0.69 11.28 8.18
CA VAL C 170 -1.41 10.43 9.13
C VAL C 170 -2.35 9.46 8.39
N PHE C 171 -3.07 9.95 7.39
CA PHE C 171 -3.98 9.08 6.65
C PHE C 171 -3.22 8.12 5.72
N ASP C 172 -2.11 8.59 5.14
CA ASP C 172 -1.32 7.69 4.28
C ASP C 172 -0.86 6.52 5.15
N GLU C 173 -0.43 6.85 6.37
CA GLU C 173 0.03 5.83 7.30
C GLU C 173 -1.14 4.97 7.80
N ALA C 174 -2.31 5.58 7.92
CA ALA C 174 -3.49 4.84 8.36
C ALA C 174 -3.80 3.77 7.28
N ILE C 175 -3.69 4.17 6.02
CA ILE C 175 -3.94 3.24 4.91
C ILE C 175 -2.94 2.09 4.89
N LEU C 176 -1.66 2.42 4.99
CA LEU C 176 -0.64 1.37 5.00
C LEU C 176 -0.96 0.36 6.09
N ALA C 177 -1.32 0.86 7.27
CA ALA C 177 -1.66 -0.02 8.39
C ALA C 177 -2.86 -0.90 8.08
N ALA C 178 -3.88 -0.34 7.45
CA ALA C 178 -5.10 -1.07 7.10
C ALA C 178 -4.78 -2.24 6.16
N LEU C 179 -3.89 -2.00 5.21
CA LEU C 179 -3.48 -3.05 4.29
C LEU C 179 -2.50 -3.96 5.04
N GLU C 180 -2.51 -5.25 4.74
CA GLU C 180 -1.59 -6.17 5.42
C GLU C 180 -1.57 -7.59 4.81
N SER D 2 -35.45 4.71 -9.00
CA SER D 2 -35.80 4.52 -7.55
C SER D 2 -35.40 3.13 -7.07
N LEU D 3 -35.19 2.23 -8.02
CA LEU D 3 -34.82 0.85 -7.71
C LEU D 3 -33.38 0.69 -7.25
N THR D 4 -33.00 -0.56 -7.00
CA THR D 4 -31.65 -0.93 -6.54
C THR D 4 -31.13 -0.19 -5.30
N ASN D 5 -31.76 0.93 -4.96
CA ASN D 5 -31.35 1.65 -3.75
C ASN D 5 -32.00 0.87 -2.62
N LYS D 6 -33.12 0.23 -2.94
CA LYS D 6 -33.88 -0.58 -2.01
C LYS D 6 -32.97 -1.66 -1.42
N VAL D 7 -32.03 -2.14 -2.20
CA VAL D 7 -31.11 -3.17 -1.74
C VAL D 7 -30.22 -2.65 -0.60
N VAL D 8 -29.74 -1.42 -0.75
CA VAL D 8 -28.90 -0.81 0.26
C VAL D 8 -29.75 -0.47 1.49
N LYS D 9 -30.91 0.13 1.23
CA LYS D 9 -31.83 0.49 2.31
C LYS D 9 -32.23 -0.73 3.12
N ASP D 10 -32.56 -1.83 2.43
CA ASP D 10 -32.93 -3.04 3.11
C ASP D 10 -31.77 -3.61 3.93
N PHE D 11 -30.55 -3.44 3.43
CA PHE D 11 -29.37 -3.94 4.13
C PHE D 11 -29.16 -3.15 5.43
N MET D 12 -29.42 -1.84 5.39
CA MET D 12 -29.25 -1.01 6.58
C MET D 12 -30.29 -1.42 7.60
N LEU D 13 -31.51 -1.64 7.12
CA LEU D 13 -32.61 -2.05 7.98
C LEU D 13 -32.23 -3.30 8.77
N GLN D 14 -31.61 -4.27 8.07
CA GLN D 14 -31.19 -5.52 8.69
C GLN D 14 -30.08 -5.29 9.71
N THR D 15 -29.21 -4.32 9.43
CA THR D 15 -28.11 -4.00 10.33
C THR D 15 -28.72 -3.35 11.58
N LEU D 16 -29.66 -2.45 11.36
CA LEU D 16 -30.32 -1.77 12.46
C LEU D 16 -31.02 -2.80 13.32
N ASN D 17 -31.69 -3.74 12.68
CA ASN D 17 -32.39 -4.81 13.38
C ASN D 17 -31.42 -5.62 14.24
N ASP D 18 -30.25 -5.92 13.70
CA ASP D 18 -29.27 -6.70 14.46
C ASP D 18 -28.71 -5.95 15.65
N ILE D 19 -28.62 -4.63 15.53
CA ILE D 19 -28.11 -3.78 16.61
C ILE D 19 -29.06 -3.88 17.80
N ASP D 20 -30.34 -3.99 17.50
CA ASP D 20 -31.38 -4.12 18.52
C ASP D 20 -31.31 -3.04 19.60
N ILE D 21 -31.58 -1.79 19.21
CA ILE D 21 -31.54 -0.69 20.16
C ILE D 21 -32.50 -0.93 21.33
N ARG D 22 -33.78 -1.15 21.02
CA ARG D 22 -34.78 -1.40 22.06
C ARG D 22 -34.38 -2.52 22.99
N GLY D 23 -33.96 -3.65 22.42
CA GLY D 23 -33.54 -4.79 23.21
C GLY D 23 -32.38 -4.47 24.14
N SER D 24 -31.41 -3.69 23.67
CA SER D 24 -30.28 -3.33 24.50
C SER D 24 -30.72 -2.37 25.60
N ALA D 25 -31.61 -1.45 25.23
CA ALA D 25 -32.13 -0.47 26.17
C ALA D 25 -32.83 -1.18 27.32
N SER D 26 -33.65 -2.17 26.97
CA SER D 26 -34.42 -2.92 27.96
C SER D 26 -33.55 -3.70 28.94
N LYS D 27 -32.33 -4.04 28.53
CA LYS D 27 -31.44 -4.82 29.39
C LYS D 27 -30.45 -4.00 30.20
N ASP D 28 -30.15 -2.80 29.75
CA ASP D 28 -29.19 -1.94 30.41
C ASP D 28 -29.65 -0.48 30.46
N PRO D 29 -30.05 0.00 31.65
CA PRO D 29 -30.52 1.38 31.83
C PRO D 29 -29.55 2.44 31.33
N ALA D 30 -28.25 2.17 31.44
CA ALA D 30 -27.23 3.11 30.98
C ALA D 30 -27.26 3.22 29.46
N TYR D 31 -27.51 2.09 28.78
CA TYR D 31 -27.60 2.09 27.32
C TYR D 31 -28.81 2.96 26.97
N ALA D 32 -29.93 2.67 27.63
CA ALA D 32 -31.18 3.40 27.41
C ALA D 32 -31.07 4.92 27.53
N SER D 33 -30.48 5.40 28.63
CA SER D 33 -30.35 6.84 28.83
C SER D 33 -29.35 7.46 27.87
N GLN D 34 -28.29 6.73 27.55
CA GLN D 34 -27.29 7.22 26.61
C GLN D 34 -27.92 7.33 25.23
N THR D 35 -28.77 6.37 24.90
CA THR D 35 -29.46 6.38 23.61
C THR D 35 -30.31 7.65 23.48
N ARG D 36 -31.12 7.91 24.49
CA ARG D 36 -31.98 9.09 24.46
C ARG D 36 -31.18 10.38 24.28
N GLU D 37 -30.04 10.48 24.96
CA GLU D 37 -29.22 11.67 24.83
C GLU D 37 -28.53 11.74 23.47
N ALA D 38 -27.97 10.62 23.04
CA ALA D 38 -27.29 10.57 21.73
C ALA D 38 -28.23 11.06 20.65
N ILE D 39 -29.46 10.58 20.68
CA ILE D 39 -30.48 10.95 19.68
C ILE D 39 -30.79 12.44 19.64
N LEU D 40 -31.11 13.03 20.78
CA LEU D 40 -31.43 14.45 20.81
C LEU D 40 -30.18 15.25 20.42
N SER D 41 -29.02 14.79 20.84
CA SER D 41 -27.78 15.46 20.49
C SER D 41 -27.64 15.45 18.96
N ALA D 42 -28.00 14.32 18.33
CA ALA D 42 -27.91 14.22 16.88
C ALA D 42 -28.89 15.19 16.23
N VAL D 43 -30.11 15.27 16.79
CA VAL D 43 -31.12 16.20 16.27
C VAL D 43 -30.56 17.61 16.37
N TYR D 44 -29.95 17.90 17.51
CA TYR D 44 -29.35 19.20 17.73
C TYR D 44 -28.25 19.49 16.71
N SER D 45 -27.31 18.55 16.58
CA SER D 45 -26.18 18.69 15.66
C SER D 45 -26.56 18.99 14.21
N LYS D 46 -27.51 18.23 13.67
CA LYS D 46 -27.94 18.43 12.29
C LYS D 46 -28.59 19.80 12.10
N ASN D 47 -29.46 20.19 13.02
CA ASN D 47 -30.11 21.49 12.92
C ASN D 47 -29.05 22.61 13.02
N LYS D 48 -28.13 22.48 13.97
CA LYS D 48 -27.09 23.48 14.15
C LYS D 48 -26.25 23.73 12.89
N ASP D 49 -25.79 22.65 12.25
CA ASP D 49 -24.96 22.77 11.04
C ASP D 49 -25.73 23.34 9.85
N GLN D 50 -26.92 22.80 9.59
CA GLN D 50 -27.68 23.26 8.45
C GLN D 50 -28.06 24.73 8.59
N CYS D 51 -28.54 25.12 9.76
CA CYS D 51 -28.92 26.51 9.94
C CYS D 51 -27.70 27.44 9.85
N CYS D 52 -26.61 27.07 10.52
CA CYS D 52 -25.41 27.90 10.49
C CYS D 52 -24.89 28.09 9.07
N ASN D 53 -24.99 27.05 8.25
CA ASN D 53 -24.53 27.20 6.87
C ASN D 53 -25.37 28.22 6.13
N LEU D 54 -26.67 28.25 6.40
CA LEU D 54 -27.55 29.21 5.74
C LEU D 54 -27.32 30.63 6.28
N LEU D 55 -27.11 30.75 7.59
CA LEU D 55 -26.87 32.07 8.17
C LEU D 55 -25.56 32.65 7.66
N ILE D 56 -24.52 31.82 7.61
CA ILE D 56 -23.22 32.27 7.11
C ILE D 56 -23.38 32.75 5.67
N SER D 57 -24.29 32.12 4.92
CA SER D 57 -24.50 32.51 3.53
C SER D 57 -25.19 33.87 3.42
N LYS D 58 -26.10 34.16 4.35
CA LYS D 58 -26.82 35.44 4.35
C LYS D 58 -26.00 36.53 5.03
N GLY D 59 -24.86 36.14 5.61
CA GLY D 59 -24.00 37.11 6.27
C GLY D 59 -24.49 37.45 7.66
N ILE D 60 -25.25 36.54 8.26
CA ILE D 60 -25.79 36.74 9.61
C ILE D 60 -24.91 36.09 10.69
N ASN D 61 -24.59 36.87 11.73
CA ASN D 61 -23.81 36.36 12.84
C ASN D 61 -24.58 35.19 13.45
N ILE D 62 -23.90 34.06 13.65
CA ILE D 62 -24.53 32.85 14.16
C ILE D 62 -24.71 32.74 15.67
N ALA D 63 -24.04 33.61 16.42
CA ALA D 63 -24.11 33.57 17.89
C ALA D 63 -25.53 33.61 18.47
N PRO D 64 -26.37 34.57 18.03
CA PRO D 64 -27.72 34.60 18.60
C PRO D 64 -28.45 33.27 18.41
N PHE D 65 -28.36 32.71 17.21
CA PHE D 65 -29.00 31.44 16.91
C PHE D 65 -28.46 30.33 17.82
N LEU D 66 -27.14 30.21 17.89
CA LEU D 66 -26.53 29.16 18.71
C LEU D 66 -26.96 29.25 20.17
N GLN D 67 -27.07 30.48 20.69
CA GLN D 67 -27.48 30.68 22.06
C GLN D 67 -28.90 30.15 22.29
N GLU D 68 -29.80 30.42 21.36
CA GLU D 68 -31.17 29.94 21.54
C GLU D 68 -31.36 28.42 21.41
N ILE D 69 -30.69 27.79 20.47
CA ILE D 69 -30.84 26.34 20.36
C ILE D 69 -30.03 25.72 21.48
N GLY D 70 -29.12 26.52 22.05
CA GLY D 70 -28.34 26.05 23.17
C GLY D 70 -29.28 25.90 24.36
N GLU D 71 -30.13 26.91 24.57
CA GLU D 71 -31.09 26.87 25.67
C GLU D 71 -32.10 25.74 25.47
N ALA D 72 -32.53 25.54 24.24
CA ALA D 72 -33.48 24.49 23.92
C ALA D 72 -32.86 23.13 24.28
N ALA D 73 -31.57 22.97 24.00
CA ALA D 73 -30.86 21.72 24.31
C ALA D 73 -30.77 21.51 25.80
N LYS D 74 -30.53 22.58 26.54
CA LYS D 74 -30.43 22.52 27.99
C LYS D 74 -31.81 22.20 28.54
N ASN D 75 -32.82 22.91 28.05
CA ASN D 75 -34.20 22.71 28.50
C ASN D 75 -34.67 21.30 28.21
N ALA D 76 -34.17 20.72 27.12
CA ALA D 76 -34.54 19.37 26.73
C ALA D 76 -33.94 18.37 27.73
N GLY D 77 -32.96 18.82 28.51
CA GLY D 77 -32.35 17.95 29.50
C GLY D 77 -31.01 17.36 29.11
N LEU D 78 -30.37 17.92 28.07
CA LEU D 78 -29.08 17.41 27.63
C LEU D 78 -27.94 18.02 28.45
N PRO D 79 -26.95 17.19 28.83
CA PRO D 79 -25.83 17.73 29.61
C PRO D 79 -24.85 18.42 28.68
N GLY D 80 -24.23 19.49 29.17
CA GLY D 80 -23.28 20.23 28.37
C GLY D 80 -22.59 21.30 29.18
N THR D 81 -21.87 22.17 28.49
CA THR D 81 -21.15 23.26 29.16
C THR D 81 -21.34 24.52 28.32
N THR D 82 -21.40 25.67 28.99
CA THR D 82 -21.58 26.91 28.27
C THR D 82 -20.28 27.71 28.23
N LYS D 83 -20.07 28.40 27.13
CA LYS D 83 -18.89 29.24 26.93
C LYS D 83 -19.36 30.47 26.20
N ASN D 84 -19.06 31.64 26.75
CA ASN D 84 -19.45 32.91 26.14
C ASN D 84 -20.95 32.99 25.92
N ASP D 85 -21.73 32.70 26.96
CA ASP D 85 -23.18 32.77 26.91
C ASP D 85 -23.83 31.74 26.00
N VAL D 86 -23.08 30.74 25.55
CA VAL D 86 -23.63 29.72 24.67
C VAL D 86 -23.46 28.31 25.20
N PHE D 87 -24.59 27.60 25.31
CA PHE D 87 -24.60 26.22 25.81
C PHE D 87 -24.49 25.25 24.64
N THR D 88 -23.63 24.25 24.79
CA THR D 88 -23.44 23.23 23.76
C THR D 88 -23.54 21.84 24.36
N PRO D 89 -24.49 21.02 23.87
CA PRO D 89 -24.65 19.66 24.39
C PRO D 89 -23.36 18.89 24.19
N SER D 90 -22.82 18.29 25.25
CA SER D 90 -21.58 17.56 25.11
C SER D 90 -21.72 16.34 24.20
N GLY D 91 -22.96 15.96 23.92
CA GLY D 91 -23.19 14.81 23.05
C GLY D 91 -23.19 15.22 21.59
N ALA D 92 -23.07 16.51 21.32
CA ALA D 92 -23.06 17.01 19.94
C ALA D 92 -21.88 16.44 19.15
N GLY D 93 -22.15 15.96 17.95
CA GLY D 93 -21.09 15.40 17.13
C GLY D 93 -21.56 14.37 16.13
N ALA D 94 -21.07 13.15 16.28
CA ALA D 94 -21.44 12.06 15.40
C ALA D 94 -22.47 11.16 16.07
N ASN D 95 -23.53 10.84 15.34
CA ASN D 95 -24.58 9.98 15.84
C ASN D 95 -24.01 8.55 15.94
N PRO D 96 -23.90 8.02 17.17
CA PRO D 96 -23.35 6.67 17.36
C PRO D 96 -24.08 5.52 16.64
N PHE D 97 -25.34 5.73 16.26
CA PHE D 97 -26.09 4.66 15.58
C PHE D 97 -25.94 4.70 14.06
N ILE D 98 -25.53 5.84 13.52
CA ILE D 98 -25.34 5.99 12.09
C ILE D 98 -24.17 5.12 11.60
N THR D 99 -23.02 5.31 12.23
CA THR D 99 -21.79 4.61 11.87
C THR D 99 -21.96 3.14 11.47
N PRO D 100 -22.58 2.30 12.33
CA PRO D 100 -22.74 0.90 11.94
C PRO D 100 -23.59 0.68 10.69
N LEU D 101 -24.59 1.51 10.46
CA LEU D 101 -25.42 1.32 9.28
C LEU D 101 -24.68 1.76 8.01
N ILE D 102 -24.11 2.96 8.06
CA ILE D 102 -23.38 3.51 6.93
C ILE D 102 -22.10 2.75 6.60
N SER D 103 -21.26 2.51 7.60
CA SER D 103 -20.02 1.80 7.36
C SER D 103 -20.26 0.37 6.83
N SER D 104 -21.21 -0.34 7.41
CA SER D 104 -21.51 -1.69 6.97
C SER D 104 -22.03 -1.67 5.54
N ALA D 105 -22.94 -0.73 5.25
CA ALA D 105 -23.52 -0.62 3.93
C ALA D 105 -22.48 -0.24 2.89
N ASN D 106 -21.64 0.74 3.24
CA ASN D 106 -20.59 1.19 2.32
C ASN D 106 -19.64 0.05 2.00
N SER D 107 -19.40 -0.80 3.00
CA SER D 107 -18.51 -1.94 2.82
C SER D 107 -19.10 -3.00 1.90
N LYS D 108 -20.40 -3.19 1.98
CA LYS D 108 -21.13 -4.18 1.16
C LYS D 108 -21.31 -3.66 -0.27
N TYR D 109 -21.73 -2.40 -0.40
CA TYR D 109 -21.99 -1.81 -1.71
C TYR D 109 -21.22 -0.50 -1.95
N PRO D 110 -19.89 -0.59 -2.06
CA PRO D 110 -19.01 0.56 -2.30
C PRO D 110 -19.43 1.47 -3.44
N ARG D 111 -19.79 0.88 -4.58
CA ARG D 111 -20.17 1.69 -5.75
C ARG D 111 -21.43 2.50 -5.52
N MET D 112 -22.27 2.07 -4.59
CA MET D 112 -23.51 2.78 -4.33
C MET D 112 -23.29 4.00 -3.45
N PHE D 113 -22.04 4.22 -3.03
CA PHE D 113 -21.71 5.37 -2.18
C PHE D 113 -20.66 6.28 -2.83
N ILE D 114 -20.41 6.07 -4.12
CA ILE D 114 -19.43 6.87 -4.84
C ILE D 114 -19.84 8.34 -4.91
N ASN D 115 -21.08 8.58 -5.33
CA ASN D 115 -21.62 9.92 -5.47
C ASN D 115 -22.07 10.54 -4.15
N GLN D 116 -21.63 11.77 -3.89
CA GLN D 116 -21.98 12.49 -2.66
C GLN D 116 -23.49 12.60 -2.44
N HIS D 117 -24.24 12.75 -3.53
CA HIS D 117 -25.69 12.84 -3.44
C HIS D 117 -26.21 11.54 -2.84
N GLN D 118 -25.62 10.42 -3.28
CA GLN D 118 -26.01 9.12 -2.78
C GLN D 118 -25.60 8.95 -1.31
N GLN D 119 -24.40 9.42 -0.99
CA GLN D 119 -23.94 9.32 0.39
C GLN D 119 -24.92 10.03 1.30
N ALA D 120 -25.19 11.30 1.00
CA ALA D 120 -26.12 12.08 1.80
C ALA D 120 -27.49 11.41 1.89
N SER D 121 -27.99 10.91 0.76
CA SER D 121 -29.30 10.27 0.72
C SER D 121 -29.40 9.03 1.60
N PHE D 122 -28.35 8.20 1.58
CA PHE D 122 -28.37 7.01 2.41
C PHE D 122 -28.16 7.36 3.88
N LYS D 123 -27.47 8.47 4.15
CA LYS D 123 -27.26 8.87 5.51
C LYS D 123 -28.59 9.39 6.05
N ILE D 124 -29.36 10.03 5.18
CA ILE D 124 -30.66 10.55 5.60
C ILE D 124 -31.54 9.36 5.98
N TYR D 125 -31.56 8.35 5.11
CA TYR D 125 -32.35 7.15 5.34
C TYR D 125 -31.97 6.47 6.66
N ALA D 126 -30.67 6.24 6.87
CA ALA D 126 -30.20 5.60 8.09
C ALA D 126 -30.74 6.39 9.29
N GLU D 127 -30.57 7.70 9.20
CA GLU D 127 -31.01 8.63 10.23
C GLU D 127 -32.50 8.43 10.52
N LYS D 128 -33.29 8.35 9.46
CA LYS D 128 -34.73 8.20 9.60
C LYS D 128 -35.16 6.89 10.27
N ILE D 129 -34.62 5.76 9.83
CA ILE D 129 -35.02 4.50 10.45
C ILE D 129 -34.53 4.38 11.89
N ILE D 130 -33.44 5.07 12.23
CA ILE D 130 -32.94 5.04 13.59
C ILE D 130 -33.96 5.78 14.48
N MET D 131 -34.39 6.95 14.01
CA MET D 131 -35.36 7.78 14.72
C MET D 131 -36.63 7.00 15.02
N THR D 132 -37.11 6.29 14.02
CA THR D 132 -38.31 5.46 14.14
C THR D 132 -38.06 4.36 15.18
N GLU D 133 -36.89 3.73 15.07
CA GLU D 133 -36.51 2.65 15.97
C GLU D 133 -36.48 3.08 17.44
N VAL D 134 -35.90 4.23 17.70
CA VAL D 134 -35.76 4.74 19.07
C VAL D 134 -36.96 5.51 19.64
N ALA D 135 -37.90 5.94 18.80
CA ALA D 135 -39.05 6.71 19.28
C ALA D 135 -39.70 6.20 20.58
N PRO D 136 -40.03 4.90 20.65
CA PRO D 136 -40.66 4.36 21.87
C PRO D 136 -39.86 4.59 23.16
N LEU D 137 -38.55 4.70 23.05
CA LEU D 137 -37.73 4.93 24.23
C LEU D 137 -38.05 6.25 24.91
N PHE D 138 -38.75 7.13 24.21
CA PHE D 138 -39.13 8.43 24.78
C PHE D 138 -40.56 8.42 25.33
N ASN D 139 -41.22 7.27 25.27
CA ASN D 139 -42.57 7.17 25.80
C ASN D 139 -42.46 7.34 27.32
N GLU D 140 -43.37 8.10 27.91
CA GLU D 140 -43.36 8.30 29.35
C GLU D 140 -42.06 8.83 29.98
N CYS D 141 -41.41 9.79 29.35
CA CYS D 141 -40.22 10.37 29.95
C CYS D 141 -40.30 11.89 29.77
N ALA D 142 -39.71 12.63 30.70
CA ALA D 142 -39.75 14.09 30.67
C ALA D 142 -39.08 14.68 29.43
N MET D 143 -38.04 14.02 28.95
CA MET D 143 -37.31 14.47 27.78
C MET D 143 -38.23 14.45 26.55
N PRO D 144 -38.22 15.52 25.75
CA PRO D 144 -39.06 15.60 24.55
C PRO D 144 -38.62 14.58 23.51
N THR D 145 -39.58 14.09 22.71
CA THR D 145 -39.27 13.11 21.68
C THR D 145 -38.41 13.74 20.58
N PRO D 146 -37.69 12.90 19.82
CA PRO D 146 -36.84 13.42 18.74
C PRO D 146 -37.65 14.35 17.84
N GLN D 147 -38.86 13.93 17.50
CA GLN D 147 -39.75 14.71 16.63
C GLN D 147 -40.10 16.07 17.23
N GLN D 148 -40.42 16.10 18.52
CA GLN D 148 -40.76 17.36 19.17
C GLN D 148 -39.56 18.30 19.21
N PHE D 149 -38.42 17.77 19.64
CA PHE D 149 -37.19 18.54 19.73
C PHE D 149 -36.77 19.08 18.36
N GLN D 150 -37.02 18.28 17.33
CA GLN D 150 -36.68 18.70 15.97
C GLN D 150 -37.53 19.89 15.52
N LEU D 151 -38.83 19.82 15.82
CA LEU D 151 -39.74 20.91 15.46
C LEU D 151 -39.32 22.17 16.21
N ILE D 152 -38.97 22.00 17.48
CA ILE D 152 -38.55 23.13 18.31
C ILE D 152 -37.33 23.82 17.71
N LEU D 153 -36.32 23.03 17.34
CA LEU D 153 -35.12 23.61 16.76
C LEU D 153 -35.37 24.24 15.40
N GLU D 154 -36.25 23.64 14.63
CA GLU D 154 -36.57 24.15 13.31
C GLU D 154 -37.27 25.51 13.41
N ASN D 155 -38.19 25.63 14.36
CA ASN D 155 -38.89 26.90 14.53
C ASN D 155 -37.90 27.97 15.00
N ILE D 156 -36.93 27.60 15.82
CA ILE D 156 -35.94 28.55 16.29
C ILE D 156 -35.10 28.96 15.07
N ALA D 157 -34.66 27.97 14.30
CA ALA D 157 -33.84 28.23 13.13
C ALA D 157 -34.53 29.16 12.14
N ASN D 158 -35.80 28.89 11.84
CA ASN D 158 -36.51 29.72 10.88
C ASN D 158 -36.74 31.14 11.35
N LYS D 159 -36.64 31.37 12.66
CA LYS D 159 -36.81 32.72 13.18
C LYS D 159 -35.60 33.57 12.78
N TYR D 160 -34.40 32.99 12.89
CA TYR D 160 -33.18 33.71 12.55
C TYR D 160 -32.85 33.73 11.07
N ILE D 161 -33.43 32.82 10.31
CA ILE D 161 -33.17 32.77 8.89
C ILE D 161 -34.03 33.78 8.14
N GLN D 162 -35.32 33.81 8.47
CA GLN D 162 -36.25 34.72 7.81
C GLN D 162 -36.30 36.11 8.42
N ASN D 163 -35.30 36.47 9.24
CA ASN D 163 -35.31 37.80 9.84
C ASN D 163 -33.95 38.50 9.83
N THR D 164 -33.88 39.61 9.10
CA THR D 164 -32.68 40.42 8.96
C THR D 164 -33.10 41.82 8.51
N PRO D 165 -33.56 42.66 9.45
CA PRO D 165 -33.99 44.02 9.13
C PRO D 165 -32.82 44.98 8.89
#